data_2AFZ
#
_entry.id   2AFZ
#
_cell.length_a   118.953
_cell.length_b   118.953
_cell.length_c   332.997
_cell.angle_alpha   90.00
_cell.angle_beta   90.00
_cell.angle_gamma   120.00
#
_symmetry.space_group_name_H-M   'H 3 2'
#
loop_
_entity.id
_entity.type
_entity.pdbx_description
1 polymer 'Glutaminyl-peptide cyclotransferase'
2 non-polymer 'ZINC ION'
3 non-polymer 'SULFATE ION'
4 non-polymer 1-VINYLIMIDAZOLE
5 water water
#
_entity_poly.entity_id   1
_entity_poly.type   'polypeptide(L)'
_entity_poly.pdbx_seq_one_letter_code
;ASAWPEEKNYHQPAILNSSALRQIAEGTSISEMWQNDLQPLLIERYPGSPGSYAARQHIMQRIQRLQADWVLEIDTFLSQ
TPYGYRSFSNIISTLNPTAKRHLVLACHYDSKYFSHWNNRVFVGATDSAVPCAMMLELARALDKKLLSLKTVSDSKPDLS
LQLIFFDGEEAFLHWSPQDSLYGSRHLAAKMASTPHPPGARGTSQLHGMDLLVLLDLIGAPNPTFPNFFPNSARWFERLQ
AIEHELHELGLLKDHSLEGRYFQNYSYGGVIQDDHIPFLRRGVPVLHLIPSPFPEVWHTMDDNEENLDESTIDNLNKILQ
VFVLEYLHL
;
_entity_poly.pdbx_strand_id   A,B
#
# COMPACT_ATOMS: atom_id res chain seq x y z
N ALA A 1 -8.10 22.71 -12.37
CA ALA A 1 -8.41 21.25 -12.25
C ALA A 1 -8.21 20.53 -13.60
N SER A 2 -6.97 20.08 -13.87
CA SER A 2 -6.61 19.42 -15.13
C SER A 2 -7.56 18.32 -15.61
N ALA A 3 -7.76 18.27 -16.92
CA ALA A 3 -8.61 17.28 -17.52
C ALA A 3 -7.74 16.15 -18.10
N TRP A 4 -6.49 16.02 -17.63
CA TRP A 4 -5.63 15.00 -18.23
C TRP A 4 -6.18 13.56 -18.17
N PRO A 5 -6.93 13.19 -17.11
CA PRO A 5 -7.48 11.83 -17.04
C PRO A 5 -8.50 11.58 -18.15
N GLU A 6 -8.91 12.63 -18.86
CA GLU A 6 -9.84 12.45 -19.97
C GLU A 6 -9.13 12.24 -21.30
N GLU A 7 -7.82 12.48 -21.32
CA GLU A 7 -7.08 12.33 -22.58
C GLU A 7 -7.28 10.95 -23.21
N LYS A 8 -7.35 9.92 -22.38
CA LYS A 8 -7.53 8.55 -22.90
C LYS A 8 -8.76 8.42 -23.77
N ASN A 9 -9.79 9.22 -23.51
CA ASN A 9 -11.02 9.14 -24.29
C ASN A 9 -10.86 9.62 -25.72
N TYR A 10 -9.88 10.49 -25.97
CA TYR A 10 -9.67 11.08 -27.30
C TYR A 10 -8.42 10.57 -27.99
N HIS A 11 -7.64 9.79 -27.26
CA HIS A 11 -6.40 9.29 -27.80
C HIS A 11 -6.59 8.46 -29.05
N GLN A 12 -5.81 8.74 -30.07
CA GLN A 12 -5.88 8.03 -31.34
C GLN A 12 -4.55 7.37 -31.61
N PRO A 13 -4.58 6.24 -32.35
CA PRO A 13 -3.31 5.57 -32.64
C PRO A 13 -2.61 6.26 -33.80
N ALA A 14 -1.30 6.03 -33.90
CA ALA A 14 -0.49 6.53 -35.04
C ALA A 14 -0.29 5.21 -35.81
N ILE A 15 -1.07 5.02 -36.85
CA ILE A 15 -1.05 3.77 -37.61
C ILE A 15 0.20 3.49 -38.44
N LEU A 16 0.71 2.25 -38.32
CA LEU A 16 1.91 1.86 -39.04
C LEU A 16 1.63 1.59 -40.52
N ASN A 17 2.51 2.05 -41.41
CA ASN A 17 2.32 1.77 -42.82
C ASN A 17 2.84 0.37 -43.14
N SER A 18 2.67 -0.08 -44.39
CA SER A 18 3.12 -1.43 -44.78
C SER A 18 4.55 -1.74 -44.45
N SER A 19 5.47 -0.82 -44.75
CA SER A 19 6.88 -1.07 -44.46
C SER A 19 7.10 -1.31 -42.96
N ALA A 20 6.45 -0.51 -42.13
CA ALA A 20 6.63 -0.67 -40.69
C ALA A 20 6.01 -1.98 -40.22
N LEU A 21 4.88 -2.37 -40.81
CA LEU A 21 4.23 -3.61 -40.40
C LEU A 21 5.15 -4.77 -40.77
N ARG A 22 5.78 -4.71 -41.94
CA ARG A 22 6.70 -5.80 -42.28
C ARG A 22 7.84 -5.81 -41.30
N GLN A 23 8.29 -4.63 -40.88
CA GLN A 23 9.41 -4.58 -39.93
C GLN A 23 9.04 -5.24 -38.61
N ILE A 24 7.83 -4.96 -38.12
CA ILE A 24 7.41 -5.56 -36.87
C ILE A 24 7.26 -7.07 -37.01
N ALA A 25 6.65 -7.56 -38.09
CA ALA A 25 6.50 -9.00 -38.30
C ALA A 25 7.87 -9.68 -38.28
N GLU A 26 8.85 -9.08 -38.94
CA GLU A 26 10.19 -9.67 -38.99
C GLU A 26 10.99 -9.55 -37.71
N GLY A 27 10.59 -8.61 -36.86
CA GLY A 27 11.34 -8.35 -35.63
C GLY A 27 11.01 -9.15 -34.39
N THR A 28 10.01 -10.02 -34.48
CA THR A 28 9.68 -10.84 -33.33
C THR A 28 10.03 -12.27 -33.74
N SER A 29 10.46 -13.07 -32.78
CA SER A 29 10.87 -14.45 -33.06
C SER A 29 10.17 -15.43 -32.16
N ILE A 30 9.26 -16.21 -32.73
CA ILE A 30 8.53 -17.15 -31.92
C ILE A 30 9.44 -18.24 -31.36
N SER A 31 10.47 -18.66 -32.10
CA SER A 31 11.38 -19.70 -31.56
C SER A 31 12.25 -19.15 -30.40
N GLU A 32 12.65 -17.89 -30.48
CA GLU A 32 13.43 -17.28 -29.40
C GLU A 32 12.55 -17.16 -28.15
N MET A 33 11.31 -16.70 -28.35
CA MET A 33 10.39 -16.60 -27.22
C MET A 33 10.17 -17.97 -26.58
N TRP A 34 9.97 -18.98 -27.41
CA TRP A 34 9.71 -20.32 -26.94
C TRP A 34 10.80 -20.84 -26.02
N GLN A 35 12.03 -20.72 -26.49
CA GLN A 35 13.14 -21.22 -25.71
C GLN A 35 13.51 -20.34 -24.52
N ASN A 36 13.55 -19.03 -24.72
CA ASN A 36 14.03 -18.13 -23.69
C ASN A 36 13.06 -17.53 -22.72
N ASP A 37 11.82 -17.36 -23.14
CA ASP A 37 10.80 -16.77 -22.29
C ASP A 37 9.71 -17.74 -21.83
N LEU A 38 9.30 -18.65 -22.71
CA LEU A 38 8.23 -19.58 -22.35
C LEU A 38 8.64 -20.83 -21.59
N GLN A 39 9.60 -21.59 -22.12
CA GLN A 39 9.94 -22.84 -21.45
C GLN A 39 10.31 -22.71 -19.98
N PRO A 40 11.03 -21.63 -19.59
CA PRO A 40 11.35 -21.56 -18.17
C PRO A 40 10.12 -21.38 -17.28
N LEU A 41 8.98 -20.98 -17.87
CA LEU A 41 7.75 -20.79 -17.09
C LEU A 41 6.85 -22.00 -17.08
N LEU A 42 7.17 -23.01 -17.88
CA LEU A 42 6.33 -24.19 -17.93
C LEU A 42 6.67 -25.12 -16.77
N ILE A 43 6.41 -24.61 -15.58
CA ILE A 43 6.66 -25.28 -14.32
C ILE A 43 5.51 -25.00 -13.37
N GLU A 44 5.39 -25.84 -12.34
CA GLU A 44 4.37 -25.65 -11.32
C GLU A 44 4.73 -24.37 -10.57
N ARG A 45 3.81 -23.42 -10.51
CA ARG A 45 4.12 -22.14 -9.90
C ARG A 45 2.93 -21.53 -9.16
N TYR A 46 2.25 -22.34 -8.36
CA TYR A 46 1.14 -21.81 -7.58
C TYR A 46 1.72 -20.87 -6.49
N PRO A 47 0.91 -19.94 -5.99
CA PRO A 47 1.41 -19.00 -4.98
C PRO A 47 2.13 -19.62 -3.80
N GLY A 48 3.29 -19.06 -3.47
CA GLY A 48 4.06 -19.54 -2.34
C GLY A 48 4.99 -20.70 -2.64
N SER A 49 4.84 -21.30 -3.83
CA SER A 49 5.68 -22.44 -4.20
C SER A 49 7.07 -22.04 -4.68
N PRO A 50 7.98 -23.02 -4.71
CA PRO A 50 9.31 -22.69 -5.17
C PRO A 50 9.24 -22.23 -6.61
N GLY A 51 8.28 -22.79 -7.35
CA GLY A 51 8.14 -22.43 -8.75
C GLY A 51 7.69 -21.00 -8.92
N SER A 52 6.92 -20.51 -7.96
CA SER A 52 6.46 -19.11 -8.02
C SER A 52 7.68 -18.22 -7.93
N TYR A 53 8.57 -18.55 -6.99
CA TYR A 53 9.80 -17.76 -6.84
C TYR A 53 10.63 -17.82 -8.12
N ALA A 54 10.78 -19.01 -8.69
CA ALA A 54 11.57 -19.16 -9.91
C ALA A 54 10.97 -18.40 -11.08
N ALA A 55 9.64 -18.44 -11.21
CA ALA A 55 8.98 -17.73 -12.29
C ALA A 55 9.17 -16.24 -12.14
N ARG A 56 9.04 -15.76 -10.91
CA ARG A 56 9.22 -14.34 -10.65
C ARG A 56 10.67 -13.90 -10.99
N GLN A 57 11.66 -14.71 -10.62
CA GLN A 57 13.06 -14.36 -10.92
C GLN A 57 13.30 -14.35 -12.41
N HIS A 58 12.70 -15.31 -13.09
CA HIS A 58 12.83 -15.41 -14.52
C HIS A 58 12.26 -14.17 -15.21
N ILE A 59 11.04 -13.81 -14.82
CA ILE A 59 10.40 -12.65 -15.43
C ILE A 59 11.25 -11.40 -15.16
N MET A 60 11.70 -11.22 -13.92
CA MET A 60 12.49 -10.03 -13.61
C MET A 60 13.80 -10.00 -14.37
N GLN A 61 14.47 -11.14 -14.44
CA GLN A 61 15.75 -11.21 -15.15
C GLN A 61 15.62 -10.90 -16.63
N ARG A 62 14.57 -11.43 -17.26
CA ARG A 62 14.35 -11.19 -18.67
C ARG A 62 14.04 -9.72 -18.97
N ILE A 63 13.41 -9.03 -18.03
CA ILE A 63 13.13 -7.63 -18.26
C ILE A 63 14.42 -6.83 -17.99
N GLN A 64 15.13 -7.20 -16.93
CA GLN A 64 16.36 -6.50 -16.53
C GLN A 64 17.45 -6.43 -17.59
N ARG A 65 17.56 -7.47 -18.41
CA ARG A 65 18.59 -7.52 -19.45
C ARG A 65 18.30 -6.59 -20.63
N LEU A 66 17.09 -6.03 -20.69
CA LEU A 66 16.74 -5.17 -21.81
C LEU A 66 17.33 -3.76 -21.66
N GLN A 67 17.45 -3.06 -22.78
CA GLN A 67 18.01 -1.71 -22.81
C GLN A 67 17.06 -0.65 -22.27
N ALA A 68 15.76 -0.79 -22.59
CA ALA A 68 14.78 0.19 -22.11
C ALA A 68 14.83 0.31 -20.59
N ASP A 69 14.48 1.51 -20.10
CA ASP A 69 14.57 1.87 -18.69
C ASP A 69 13.45 1.34 -17.80
N TRP A 70 13.25 0.03 -17.80
CA TRP A 70 12.17 -0.57 -17.00
C TRP A 70 12.43 -0.44 -15.51
N VAL A 71 11.40 -0.08 -14.76
CA VAL A 71 11.53 0.03 -13.32
C VAL A 71 10.69 -1.13 -12.78
N LEU A 72 11.36 -2.06 -12.12
CA LEU A 72 10.69 -3.23 -11.57
C LEU A 72 10.31 -3.09 -10.11
N GLU A 73 9.09 -3.51 -9.77
CA GLU A 73 8.64 -3.47 -8.38
C GLU A 73 7.96 -4.79 -8.07
N ILE A 74 8.22 -5.33 -6.89
CA ILE A 74 7.56 -6.54 -6.45
C ILE A 74 6.58 -6.06 -5.38
N ASP A 75 5.30 -6.30 -5.64
CA ASP A 75 4.23 -5.89 -4.74
C ASP A 75 3.81 -7.11 -3.92
N THR A 76 4.36 -7.21 -2.71
CA THR A 76 4.12 -8.36 -1.84
C THR A 76 3.15 -8.06 -0.72
N PHE A 77 2.20 -8.97 -0.51
CA PHE A 77 1.18 -8.75 0.48
C PHE A 77 0.62 -10.05 1.02
N LEU A 78 -0.14 -9.95 2.10
CA LEU A 78 -0.77 -11.10 2.71
C LEU A 78 -2.26 -11.08 2.42
N SER A 79 -2.86 -12.27 2.36
CA SER A 79 -4.28 -12.38 2.20
C SER A 79 -4.74 -13.67 2.87
N GLN A 80 -5.98 -13.67 3.33
CA GLN A 80 -6.60 -14.87 3.90
C GLN A 80 -6.91 -15.73 2.67
N THR A 81 -6.82 -17.06 2.84
CA THR A 81 -7.13 -18.00 1.75
C THR A 81 -7.79 -19.21 2.42
N PRO A 82 -8.26 -20.18 1.63
CA PRO A 82 -8.88 -21.37 2.24
C PRO A 82 -7.89 -22.14 3.09
N TYR A 83 -6.61 -21.85 2.90
CA TYR A 83 -5.56 -22.50 3.65
C TYR A 83 -4.90 -21.59 4.68
N GLY A 84 -5.60 -20.50 5.02
CA GLY A 84 -5.07 -19.58 6.01
C GLY A 84 -4.32 -18.46 5.35
N TYR A 85 -3.70 -17.61 6.17
CA TYR A 85 -2.97 -16.48 5.62
C TYR A 85 -1.78 -16.92 4.74
N ARG A 86 -1.64 -16.30 3.57
CA ARG A 86 -0.52 -16.59 2.68
C ARG A 86 0.01 -15.31 2.08
N SER A 87 1.23 -15.39 1.57
CA SER A 87 1.89 -14.25 0.92
C SER A 87 1.84 -14.39 -0.60
N PHE A 88 1.64 -13.27 -1.27
CA PHE A 88 1.57 -13.21 -2.74
C PHE A 88 2.46 -12.06 -3.20
N SER A 89 2.92 -12.15 -4.44
CA SER A 89 3.79 -11.13 -5.00
C SER A 89 3.49 -10.77 -6.45
N ASN A 90 2.90 -9.61 -6.67
CA ASN A 90 2.65 -9.15 -8.04
C ASN A 90 3.97 -8.59 -8.57
N ILE A 91 4.16 -8.65 -9.87
CA ILE A 91 5.36 -8.08 -10.50
C ILE A 91 4.88 -6.92 -11.37
N ILE A 92 5.46 -5.74 -11.17
CA ILE A 92 5.06 -4.60 -11.98
C ILE A 92 6.33 -4.06 -12.64
N SER A 93 6.26 -3.86 -13.96
CA SER A 93 7.41 -3.37 -14.72
C SER A 93 6.94 -2.11 -15.44
N THR A 94 7.54 -0.96 -15.13
CA THR A 94 7.05 0.28 -15.68
C THR A 94 8.07 1.14 -16.39
N LEU A 95 7.71 1.67 -17.55
CA LEU A 95 8.58 2.64 -18.22
C LEU A 95 8.04 4.02 -17.81
N ASN A 96 8.93 4.95 -17.43
CA ASN A 96 8.49 6.30 -17.06
C ASN A 96 7.43 6.32 -15.96
N PRO A 97 7.82 5.90 -14.74
CA PRO A 97 6.93 5.85 -13.59
C PRO A 97 6.19 7.14 -13.29
N THR A 98 6.80 8.29 -13.55
CA THR A 98 6.10 9.55 -13.26
C THR A 98 5.23 10.06 -14.40
N ALA A 99 5.30 9.42 -15.57
CA ALA A 99 4.46 9.82 -16.69
C ALA A 99 3.03 9.70 -16.14
N LYS A 100 2.15 10.62 -16.52
CA LYS A 100 0.78 10.56 -15.98
C LYS A 100 -0.03 9.38 -16.48
N ARG A 101 0.17 9.02 -17.74
CA ARG A 101 -0.62 7.95 -18.36
C ARG A 101 0.18 6.74 -18.78
N HIS A 102 -0.39 5.56 -18.58
CA HIS A 102 0.26 4.36 -19.09
C HIS A 102 -0.74 3.43 -19.75
N LEU A 103 -0.30 2.83 -20.84
CA LEU A 103 -1.05 1.77 -21.50
C LEU A 103 -0.53 0.59 -20.66
N VAL A 104 -1.44 -0.32 -20.23
CA VAL A 104 -1.01 -1.42 -19.36
C VAL A 104 -1.34 -2.78 -19.96
N LEU A 105 -0.32 -3.63 -20.11
CA LEU A 105 -0.51 -5.02 -20.58
C LEU A 105 -0.36 -5.88 -19.34
N ALA A 106 -1.21 -6.90 -19.20
CA ALA A 106 -1.12 -7.73 -18.01
C ALA A 106 -1.55 -9.16 -18.26
N CYS A 107 -1.17 -10.04 -17.34
CA CYS A 107 -1.59 -11.45 -17.34
C CYS A 107 -1.31 -11.97 -15.91
N HIS A 108 -1.68 -13.21 -15.59
CA HIS A 108 -1.33 -13.73 -14.28
C HIS A 108 -0.17 -14.72 -14.45
N TYR A 109 0.76 -14.74 -13.51
CA TYR A 109 1.89 -15.67 -13.66
C TYR A 109 1.83 -16.88 -12.74
N ASP A 110 0.86 -16.91 -11.83
CA ASP A 110 0.72 -18.08 -10.97
C ASP A 110 0.06 -19.19 -11.81
N SER A 111 0.19 -20.43 -11.37
CA SER A 111 -0.50 -21.55 -12.04
C SER A 111 -1.43 -22.10 -10.98
N LYS A 112 -2.55 -22.67 -11.42
CA LYS A 112 -3.53 -23.20 -10.47
C LYS A 112 -3.00 -24.39 -9.69
N TYR A 113 -3.25 -24.37 -8.39
CA TYR A 113 -2.80 -25.46 -7.54
C TYR A 113 -3.56 -26.78 -7.76
N PHE A 114 -2.82 -27.85 -8.01
CA PHE A 114 -3.38 -29.20 -8.15
C PHE A 114 -2.35 -30.14 -7.52
N SER A 115 -2.81 -31.12 -6.76
CA SER A 115 -1.86 -32.08 -6.20
C SER A 115 -1.40 -32.91 -7.43
N HIS A 116 -0.19 -33.44 -7.42
CA HIS A 116 0.27 -34.22 -8.57
C HIS A 116 -0.69 -35.38 -8.79
N TRP A 117 -1.04 -35.64 -10.04
CA TRP A 117 -1.98 -36.71 -10.34
C TRP A 117 -1.40 -37.66 -11.37
N ASN A 118 -1.11 -38.89 -10.93
CA ASN A 118 -0.56 -39.88 -11.83
C ASN A 118 0.72 -39.35 -12.49
N ASN A 119 1.57 -38.75 -11.66
CA ASN A 119 2.85 -38.22 -12.09
C ASN A 119 2.79 -37.02 -13.03
N ARG A 120 1.60 -36.47 -13.22
CA ARG A 120 1.49 -35.28 -14.08
C ARG A 120 1.39 -34.06 -13.17
N VAL A 121 1.89 -32.93 -13.67
CA VAL A 121 1.87 -31.69 -12.92
C VAL A 121 1.20 -30.62 -13.78
N PHE A 122 0.36 -29.77 -13.18
CA PHE A 122 -0.32 -28.72 -13.94
C PHE A 122 0.61 -27.51 -14.15
N VAL A 123 0.88 -27.16 -15.41
CA VAL A 123 1.73 -26.00 -15.68
C VAL A 123 1.03 -24.85 -16.37
N GLY A 124 -0.28 -24.99 -16.61
CA GLY A 124 -1.04 -23.89 -17.23
C GLY A 124 -0.34 -23.21 -18.39
N ALA A 125 -0.08 -23.97 -19.45
CA ALA A 125 0.62 -23.41 -20.60
C ALA A 125 -0.11 -22.22 -21.23
N THR A 126 -1.41 -22.33 -21.47
CA THR A 126 -2.15 -21.20 -22.04
C THR A 126 -2.65 -20.31 -20.89
N ASP A 127 -2.54 -20.82 -19.67
CA ASP A 127 -3.14 -20.19 -18.50
C ASP A 127 -2.17 -20.03 -17.31
N SER A 128 -1.25 -19.05 -17.34
CA SER A 128 -1.06 -18.14 -18.48
C SER A 128 0.43 -18.00 -18.82
N ALA A 129 1.13 -19.07 -18.91
CA ALA A 129 2.57 -19.05 -19.24
C ALA A 129 2.77 -18.39 -20.61
N VAL A 130 1.91 -18.71 -21.59
CA VAL A 130 2.07 -18.11 -22.92
C VAL A 130 1.86 -16.60 -22.83
N PRO A 131 0.76 -16.14 -22.21
CA PRO A 131 0.62 -14.69 -22.12
C PRO A 131 1.87 -14.04 -21.46
N CYS A 132 2.42 -14.69 -20.42
CA CYS A 132 3.63 -14.12 -19.77
C CYS A 132 4.74 -14.00 -20.80
N ALA A 133 4.94 -15.08 -21.54
CA ALA A 133 6.01 -15.10 -22.55
C ALA A 133 5.75 -14.10 -23.65
N MET A 134 4.48 -13.87 -24.03
CA MET A 134 4.17 -12.87 -25.06
C MET A 134 4.54 -11.45 -24.61
N MET A 135 4.29 -11.15 -23.34
CA MET A 135 4.62 -9.84 -22.80
C MET A 135 6.15 -9.66 -22.76
N LEU A 136 6.85 -10.71 -22.39
CA LEU A 136 8.33 -10.64 -22.35
C LEU A 136 8.89 -10.52 -23.77
N GLU A 137 8.32 -11.23 -24.73
CA GLU A 137 8.79 -11.15 -26.11
C GLU A 137 8.48 -9.77 -26.70
N LEU A 138 7.35 -9.18 -26.31
CA LEU A 138 6.97 -7.85 -26.79
C LEU A 138 8.02 -6.85 -26.26
N ALA A 139 8.37 -6.98 -24.99
CA ALA A 139 9.35 -6.08 -24.38
C ALA A 139 10.70 -6.24 -25.09
N ARG A 140 11.06 -7.49 -25.42
CA ARG A 140 12.34 -7.70 -26.12
C ARG A 140 12.27 -7.20 -27.57
N ALA A 141 11.24 -7.61 -28.31
CA ALA A 141 11.16 -7.22 -29.73
C ALA A 141 11.06 -5.72 -29.94
N LEU A 142 10.40 -5.01 -29.03
CA LEU A 142 10.23 -3.56 -29.18
C LEU A 142 11.23 -2.75 -28.34
N ASP A 143 12.23 -3.43 -27.80
CA ASP A 143 13.19 -2.78 -26.91
C ASP A 143 13.83 -1.49 -27.47
N LYS A 144 14.30 -1.53 -28.71
CA LYS A 144 14.90 -0.30 -29.25
C LYS A 144 13.90 0.85 -29.30
N LYS A 145 12.68 0.58 -29.74
CA LYS A 145 11.66 1.62 -29.79
C LYS A 145 11.24 2.10 -28.41
N LEU A 146 11.14 1.17 -27.46
CA LEU A 146 10.75 1.54 -26.11
C LEU A 146 11.86 2.38 -25.44
N LEU A 147 13.11 2.09 -25.80
CA LEU A 147 14.25 2.83 -25.25
C LEU A 147 14.09 4.32 -25.55
N SER A 148 13.46 4.65 -26.68
CA SER A 148 13.26 6.05 -27.05
C SER A 148 12.34 6.83 -26.10
N LEU A 149 11.55 6.11 -25.28
CA LEU A 149 10.67 6.80 -24.35
C LEU A 149 11.42 7.37 -23.13
N LYS A 150 12.68 6.95 -22.97
CA LYS A 150 13.49 7.38 -21.84
C LYS A 150 13.73 8.88 -21.96
N PRO A 157 2.17 14.16 -25.28
CA PRO A 157 1.75 12.76 -25.06
C PRO A 157 2.50 12.16 -23.86
N ASP A 158 2.12 12.55 -22.63
CA ASP A 158 2.75 12.06 -21.39
C ASP A 158 2.23 10.67 -21.11
N LEU A 159 2.60 9.76 -22.00
CA LEU A 159 2.09 8.39 -22.03
C LEU A 159 3.19 7.37 -22.23
N SER A 160 3.19 6.32 -21.38
CA SER A 160 4.20 5.28 -21.55
C SER A 160 3.58 3.89 -21.36
N LEU A 161 4.42 2.91 -21.10
CA LEU A 161 3.99 1.51 -21.01
C LEU A 161 4.24 0.85 -19.68
N GLN A 162 3.33 0.00 -19.23
CA GLN A 162 3.51 -0.72 -17.97
C GLN A 162 3.07 -2.18 -18.18
N LEU A 163 3.80 -3.11 -17.58
CA LEU A 163 3.43 -4.53 -17.62
C LEU A 163 3.11 -4.97 -16.21
N ILE A 164 2.03 -5.75 -16.01
CA ILE A 164 1.74 -6.25 -14.68
C ILE A 164 1.59 -7.78 -14.81
N PHE A 165 2.31 -8.51 -13.97
CA PHE A 165 2.20 -9.99 -13.91
C PHE A 165 1.56 -10.26 -12.54
N PHE A 166 0.28 -10.59 -12.53
CA PHE A 166 -0.45 -10.83 -11.28
C PHE A 166 -0.19 -12.17 -10.66
N ASP A 167 -0.08 -12.19 -9.35
CA ASP A 167 0.06 -13.45 -8.63
C ASP A 167 -1.37 -13.81 -8.17
N GLY A 168 -1.59 -15.07 -7.85
CA GLY A 168 -2.89 -15.47 -7.28
C GLY A 168 -4.18 -15.22 -8.03
N GLU A 169 -4.13 -15.30 -9.35
CA GLU A 169 -5.36 -15.09 -10.11
C GLU A 169 -6.28 -16.27 -9.83
N GLU A 170 -5.69 -17.47 -9.71
CA GLU A 170 -6.51 -18.68 -9.51
C GLU A 170 -7.00 -18.92 -8.09
N ALA A 171 -8.16 -19.57 -8.01
CA ALA A 171 -8.67 -19.97 -6.72
C ALA A 171 -7.79 -21.14 -6.24
N PHE A 172 -7.61 -21.27 -4.92
CA PHE A 172 -6.88 -22.40 -4.37
C PHE A 172 -7.78 -23.63 -4.42
N LEU A 173 -9.09 -23.43 -4.32
CA LEU A 173 -10.07 -24.52 -4.44
C LEU A 173 -10.79 -24.31 -5.78
N HIS A 174 -12.12 -24.13 -5.76
CA HIS A 174 -12.82 -23.80 -7.00
C HIS A 174 -13.18 -22.32 -6.84
N TRP A 175 -13.29 -21.59 -7.95
CA TRP A 175 -13.61 -20.17 -7.86
C TRP A 175 -14.71 -19.76 -6.89
N SER A 176 -14.46 -18.68 -6.17
CA SER A 176 -15.45 -18.11 -5.30
C SER A 176 -14.96 -16.67 -5.16
N PRO A 177 -15.81 -15.77 -4.70
CA PRO A 177 -15.46 -14.34 -4.53
C PRO A 177 -14.28 -14.03 -3.63
N GLN A 178 -14.09 -14.83 -2.58
CA GLN A 178 -12.98 -14.60 -1.65
C GLN A 178 -11.77 -15.47 -2.01
N ASP A 179 -11.97 -16.48 -2.85
CA ASP A 179 -10.86 -17.35 -3.22
C ASP A 179 -10.64 -17.23 -4.73
N SER A 180 -9.88 -16.21 -5.11
CA SER A 180 -9.52 -15.94 -6.52
C SER A 180 -9.06 -14.48 -6.60
N LEU A 181 -8.41 -14.13 -7.70
CA LEU A 181 -7.97 -12.75 -7.95
C LEU A 181 -7.27 -12.08 -6.78
N TYR A 182 -6.44 -12.83 -6.08
CA TYR A 182 -5.75 -12.24 -4.93
C TYR A 182 -4.88 -11.04 -5.29
N GLY A 183 -4.03 -11.22 -6.31
CA GLY A 183 -3.12 -10.17 -6.70
C GLY A 183 -3.78 -8.96 -7.32
N SER A 184 -4.77 -9.18 -8.18
CA SER A 184 -5.45 -8.05 -8.81
C SER A 184 -6.36 -7.28 -7.85
N ARG A 185 -7.06 -7.98 -6.95
CA ARG A 185 -7.92 -7.24 -6.01
C ARG A 185 -7.00 -6.37 -5.15
N HIS A 186 -5.86 -6.91 -4.74
CA HIS A 186 -4.96 -6.14 -3.92
C HIS A 186 -4.35 -4.96 -4.67
N LEU A 187 -3.84 -5.21 -5.89
CA LEU A 187 -3.19 -4.11 -6.63
C LEU A 187 -4.17 -3.03 -7.08
N ALA A 188 -5.38 -3.41 -7.48
CA ALA A 188 -6.37 -2.42 -7.92
C ALA A 188 -6.68 -1.48 -6.75
N ALA A 189 -6.82 -2.06 -5.56
CA ALA A 189 -7.13 -1.25 -4.37
C ALA A 189 -5.94 -0.34 -4.05
N LYS A 190 -4.72 -0.87 -4.16
CA LYS A 190 -3.52 -0.09 -3.88
C LYS A 190 -3.38 1.08 -4.89
N MET A 191 -3.58 0.81 -6.17
CA MET A 191 -3.45 1.86 -7.18
C MET A 191 -4.56 2.91 -7.04
N ALA A 192 -5.76 2.48 -6.67
CA ALA A 192 -6.88 3.41 -6.51
C ALA A 192 -6.61 4.38 -5.37
N SER A 193 -5.79 3.94 -4.41
CA SER A 193 -5.51 4.79 -3.25
C SER A 193 -4.12 5.41 -3.27
N THR A 194 -3.47 5.39 -4.44
CA THR A 194 -2.15 5.98 -4.57
C THR A 194 -2.20 7.21 -5.49
N PRO A 195 -1.91 8.41 -4.94
CA PRO A 195 -1.94 9.59 -5.82
C PRO A 195 -1.00 9.47 -7.00
N HIS A 196 -1.43 9.97 -8.15
CA HIS A 196 -0.63 9.96 -9.36
C HIS A 196 -1.03 11.12 -10.25
N PRO A 197 -0.05 11.86 -10.80
CA PRO A 197 1.38 11.64 -10.60
C PRO A 197 1.78 12.06 -9.18
N PRO A 198 3.02 11.78 -8.76
CA PRO A 198 3.52 12.12 -7.41
C PRO A 198 3.12 13.54 -7.06
N GLY A 199 2.54 13.69 -5.88
CA GLY A 199 2.10 15.00 -5.42
C GLY A 199 0.67 15.41 -5.80
N ALA A 200 -0.02 14.62 -6.60
CA ALA A 200 -1.37 14.99 -7.02
C ALA A 200 -2.34 15.08 -5.86
N ARG A 201 -3.29 16.00 -6.00
CA ARG A 201 -4.30 16.21 -4.96
C ARG A 201 -5.51 15.30 -5.06
N GLY A 202 -5.94 14.95 -6.29
CA GLY A 202 -7.17 14.19 -6.42
C GLY A 202 -7.25 13.14 -7.51
N THR A 203 -6.10 12.76 -8.06
CA THR A 203 -6.09 11.74 -9.11
C THR A 203 -5.22 10.57 -8.64
N SER A 204 -5.59 9.36 -9.06
CA SER A 204 -4.87 8.17 -8.61
C SER A 204 -4.14 7.46 -9.73
N GLN A 205 -3.39 6.41 -9.39
CA GLN A 205 -2.72 5.63 -10.41
C GLN A 205 -3.79 5.00 -11.31
N LEU A 206 -5.00 4.73 -10.79
CA LEU A 206 -6.03 4.18 -11.67
C LEU A 206 -6.47 5.20 -12.74
N HIS A 207 -6.52 6.47 -12.39
CA HIS A 207 -6.90 7.45 -13.39
C HIS A 207 -5.86 7.48 -14.50
N GLY A 208 -4.64 7.11 -14.13
CA GLY A 208 -3.52 7.10 -15.07
C GLY A 208 -3.55 5.88 -15.98
N MET A 209 -4.39 4.89 -15.68
CA MET A 209 -4.42 3.69 -16.54
C MET A 209 -5.30 3.94 -17.75
N ASP A 210 -4.67 4.21 -18.88
CA ASP A 210 -5.40 4.52 -20.11
C ASP A 210 -6.31 3.37 -20.51
N LEU A 211 -5.73 2.18 -20.44
CA LEU A 211 -6.42 0.98 -20.91
C LEU A 211 -5.68 -0.20 -20.32
N LEU A 212 -6.44 -1.18 -19.83
CA LEU A 212 -5.83 -2.40 -19.29
C LEU A 212 -6.08 -3.51 -20.31
N VAL A 213 -5.02 -3.99 -20.95
CA VAL A 213 -5.12 -5.06 -21.96
C VAL A 213 -4.70 -6.33 -21.24
N LEU A 214 -5.69 -7.14 -20.88
CA LEU A 214 -5.43 -8.35 -20.11
C LEU A 214 -5.44 -9.59 -20.99
N LEU A 215 -4.31 -10.28 -21.06
CA LEU A 215 -4.18 -11.50 -21.87
C LEU A 215 -4.39 -12.70 -20.97
N ASP A 216 -5.22 -13.66 -21.40
CA ASP A 216 -5.42 -14.85 -20.58
C ASP A 216 -5.89 -15.98 -21.51
N LEU A 217 -5.46 -17.20 -21.19
CA LEU A 217 -5.86 -18.43 -21.93
C LEU A 217 -5.53 -18.37 -23.40
N ILE A 218 -4.33 -17.88 -23.72
CA ILE A 218 -3.91 -17.78 -25.10
C ILE A 218 -2.89 -18.88 -25.40
N GLY A 219 -3.00 -19.45 -26.59
CA GLY A 219 -2.05 -20.49 -27.02
C GLY A 219 -2.69 -21.68 -27.69
N ALA A 220 -4.00 -21.84 -27.56
CA ALA A 220 -4.69 -22.96 -28.21
C ALA A 220 -5.04 -22.58 -29.67
N PRO A 221 -5.42 -23.57 -30.48
CA PRO A 221 -5.78 -23.32 -31.88
C PRO A 221 -7.13 -22.58 -31.99
N ASN A 222 -7.26 -21.81 -33.05
CA ASN A 222 -8.51 -21.15 -33.37
C ASN A 222 -9.20 -20.35 -32.29
N PRO A 223 -8.45 -19.51 -31.57
CA PRO A 223 -9.11 -18.71 -30.52
C PRO A 223 -10.09 -17.67 -31.15
N THR A 224 -11.18 -17.36 -30.46
CA THR A 224 -12.06 -16.30 -30.94
C THR A 224 -12.25 -15.37 -29.74
N PHE A 225 -11.81 -14.11 -29.87
CA PHE A 225 -11.89 -13.12 -28.79
C PHE A 225 -13.10 -12.21 -29.03
N PRO A 226 -14.05 -12.17 -28.09
CA PRO A 226 -15.22 -11.29 -28.31
C PRO A 226 -14.89 -9.85 -27.88
N ASN A 227 -15.70 -8.92 -28.40
CA ASN A 227 -15.55 -7.48 -28.09
C ASN A 227 -16.44 -7.29 -26.85
N PHE A 228 -15.86 -7.44 -25.66
CA PHE A 228 -16.62 -7.40 -24.44
C PHE A 228 -17.21 -6.09 -23.95
N PHE A 229 -16.50 -4.98 -24.14
CA PHE A 229 -16.94 -3.72 -23.52
C PHE A 229 -17.05 -2.54 -24.45
N PRO A 230 -18.15 -1.79 -24.36
CA PRO A 230 -18.29 -0.65 -25.25
C PRO A 230 -17.26 0.43 -25.08
N ASN A 231 -16.73 0.59 -23.88
CA ASN A 231 -15.75 1.67 -23.73
C ASN A 231 -14.35 1.32 -24.21
N SER A 232 -14.17 0.09 -24.72
CA SER A 232 -12.89 -0.25 -25.34
C SER A 232 -13.13 -0.81 -26.74
N ALA A 233 -14.38 -0.75 -27.21
CA ALA A 233 -14.70 -1.30 -28.53
C ALA A 233 -13.87 -0.71 -29.66
N ARG A 234 -13.55 0.58 -29.58
CA ARG A 234 -12.78 1.16 -30.66
C ARG A 234 -11.37 0.57 -30.70
N TRP A 235 -10.87 0.10 -29.55
CA TRP A 235 -9.53 -0.50 -29.54
C TRP A 235 -9.61 -1.94 -30.04
N PHE A 236 -10.72 -2.61 -29.74
CA PHE A 236 -10.93 -3.97 -30.24
C PHE A 236 -10.97 -3.86 -31.79
N GLU A 237 -11.64 -2.82 -32.32
CA GLU A 237 -11.70 -2.64 -33.77
C GLU A 237 -10.31 -2.42 -34.38
N ARG A 238 -9.42 -1.77 -33.62
CA ARG A 238 -8.06 -1.59 -34.10
C ARG A 238 -7.37 -2.95 -34.18
N LEU A 239 -7.57 -3.83 -33.18
CA LEU A 239 -6.97 -5.15 -33.26
C LEU A 239 -7.50 -5.86 -34.52
N GLN A 240 -8.78 -5.71 -34.80
CA GLN A 240 -9.34 -6.35 -36.01
C GLN A 240 -8.68 -5.84 -37.24
N ALA A 241 -8.45 -4.52 -37.28
CA ALA A 241 -7.84 -3.87 -38.46
C ALA A 241 -6.39 -4.30 -38.64
N ILE A 242 -5.67 -4.38 -37.53
CA ILE A 242 -4.28 -4.80 -37.56
C ILE A 242 -4.22 -6.27 -38.05
N GLU A 243 -5.07 -7.11 -37.47
CA GLU A 243 -5.07 -8.51 -37.92
C GLU A 243 -5.39 -8.58 -39.42
N HIS A 244 -6.34 -7.77 -39.87
CA HIS A 244 -6.72 -7.82 -41.27
C HIS A 244 -5.58 -7.36 -42.19
N GLU A 245 -4.92 -6.27 -41.82
CA GLU A 245 -3.83 -5.77 -42.66
C GLU A 245 -2.61 -6.69 -42.63
N LEU A 246 -2.24 -7.22 -41.46
CA LEU A 246 -1.09 -8.13 -41.41
C LEU A 246 -1.43 -9.35 -42.26
N HIS A 247 -2.69 -9.78 -42.20
CA HIS A 247 -3.13 -10.90 -43.03
C HIS A 247 -2.95 -10.57 -44.53
N GLU A 248 -3.52 -9.45 -44.97
CA GLU A 248 -3.45 -9.07 -46.38
C GLU A 248 -2.04 -8.90 -46.91
N LEU A 249 -1.11 -8.49 -46.04
CA LEU A 249 0.28 -8.30 -46.41
C LEU A 249 1.05 -9.62 -46.41
N GLY A 250 0.36 -10.72 -46.08
CA GLY A 250 1.01 -12.02 -46.04
C GLY A 250 2.01 -12.17 -44.90
N LEU A 251 1.72 -11.46 -43.81
CA LEU A 251 2.61 -11.47 -42.66
C LEU A 251 2.18 -12.40 -41.51
N LEU A 252 1.08 -13.13 -41.68
CA LEU A 252 0.62 -14.07 -40.67
C LEU A 252 0.85 -15.50 -41.24
N LYS A 253 0.90 -16.49 -40.36
CA LYS A 253 1.15 -17.88 -40.74
C LYS A 253 -0.06 -18.77 -40.48
N ASP A 254 -0.41 -19.62 -41.47
CA ASP A 254 -1.56 -20.56 -41.34
C ASP A 254 -2.77 -19.78 -40.80
N HIS A 255 -3.15 -18.73 -41.51
CA HIS A 255 -4.20 -17.83 -41.04
C HIS A 255 -5.17 -17.48 -42.15
N SER A 256 -6.46 -17.48 -41.86
CA SER A 256 -7.45 -17.07 -42.86
C SER A 256 -8.39 -16.05 -42.19
N LEU A 257 -9.03 -15.22 -43.00
CA LEU A 257 -9.97 -14.23 -42.47
C LEU A 257 -11.25 -14.93 -41.92
N GLU A 258 -11.69 -16.00 -42.58
CA GLU A 258 -12.84 -16.75 -42.06
C GLU A 258 -12.51 -17.28 -40.64
N GLY A 259 -11.24 -17.65 -40.43
CA GLY A 259 -10.82 -18.12 -39.12
C GLY A 259 -10.09 -17.04 -38.34
N ARG A 260 -10.47 -15.78 -38.53
CA ARG A 260 -9.77 -14.72 -37.78
C ARG A 260 -10.02 -14.81 -36.29
N TYR A 261 -9.15 -14.16 -35.52
CA TYR A 261 -9.22 -14.20 -34.08
C TYR A 261 -10.15 -13.15 -33.49
N PHE A 262 -10.20 -11.98 -34.11
CA PHE A 262 -11.01 -10.90 -33.57
C PHE A 262 -12.25 -10.78 -34.42
N GLN A 263 -13.32 -11.41 -33.97
CA GLN A 263 -14.51 -11.39 -34.77
C GLN A 263 -15.55 -10.43 -34.28
N ASN A 264 -16.44 -10.05 -35.19
CA ASN A 264 -17.49 -9.13 -34.85
C ASN A 264 -18.53 -9.86 -34.03
N TYR A 265 -18.31 -9.89 -32.72
CA TYR A 265 -19.25 -10.51 -31.81
C TYR A 265 -18.93 -10.10 -30.39
N SER A 266 -19.98 -9.76 -29.66
CA SER A 266 -19.83 -9.35 -28.27
C SER A 266 -20.16 -10.52 -27.39
N TYR A 267 -20.01 -10.32 -26.09
CA TYR A 267 -20.27 -11.36 -25.11
C TYR A 267 -20.81 -10.60 -23.90
N GLY A 268 -22.12 -10.62 -23.75
CA GLY A 268 -22.77 -9.92 -22.65
C GLY A 268 -22.51 -10.46 -21.25
N GLY A 269 -22.19 -11.75 -21.15
CA GLY A 269 -21.95 -12.35 -19.86
C GLY A 269 -20.75 -11.75 -19.15
N VAL A 270 -20.52 -12.20 -17.93
CA VAL A 270 -19.39 -11.69 -17.19
C VAL A 270 -18.37 -12.82 -17.03
N ILE A 271 -17.09 -12.52 -17.26
CA ILE A 271 -16.07 -13.52 -17.06
C ILE A 271 -15.26 -13.00 -15.87
N GLN A 272 -15.05 -13.84 -14.85
CA GLN A 272 -14.27 -13.40 -13.71
C GLN A 272 -12.80 -13.61 -14.07
N ASP A 273 -12.03 -12.54 -13.92
CA ASP A 273 -10.60 -12.58 -14.22
C ASP A 273 -9.97 -11.32 -13.58
N ASP A 274 -8.67 -11.18 -13.70
CA ASP A 274 -7.92 -10.06 -13.08
C ASP A 274 -8.37 -8.65 -13.47
N HIS A 275 -9.15 -8.52 -14.52
CA HIS A 275 -9.60 -7.18 -14.92
C HIS A 275 -10.75 -6.67 -14.03
N ILE A 276 -11.44 -7.59 -13.35
CA ILE A 276 -12.62 -7.22 -12.57
C ILE A 276 -12.42 -6.11 -11.53
N PRO A 277 -11.39 -6.21 -10.67
CA PRO A 277 -11.15 -5.18 -9.64
C PRO A 277 -10.86 -3.82 -10.28
N PHE A 278 -10.36 -3.83 -11.51
CA PHE A 278 -10.04 -2.58 -12.21
C PHE A 278 -11.27 -2.03 -12.92
N LEU A 279 -11.97 -2.92 -13.63
CA LEU A 279 -13.20 -2.55 -14.34
C LEU A 279 -14.22 -1.96 -13.35
N ARG A 280 -14.36 -2.57 -12.17
CA ARG A 280 -15.36 -2.05 -11.23
C ARG A 280 -14.94 -0.73 -10.59
N ARG A 281 -13.71 -0.31 -10.85
CA ARG A 281 -13.24 0.98 -10.36
C ARG A 281 -13.15 1.99 -11.51
N GLY A 282 -13.68 1.59 -12.67
CA GLY A 282 -13.75 2.48 -13.82
C GLY A 282 -12.63 2.48 -14.84
N VAL A 283 -11.75 1.50 -14.77
CA VAL A 283 -10.66 1.45 -15.72
C VAL A 283 -11.14 0.76 -17.00
N PRO A 284 -10.85 1.33 -18.19
CA PRO A 284 -11.27 0.72 -19.46
C PRO A 284 -10.43 -0.57 -19.63
N VAL A 285 -11.10 -1.64 -20.03
CA VAL A 285 -10.44 -2.93 -20.19
C VAL A 285 -10.63 -3.50 -21.59
N LEU A 286 -9.56 -4.04 -22.16
CA LEU A 286 -9.61 -4.78 -23.42
C LEU A 286 -9.20 -6.19 -22.92
N HIS A 287 -10.18 -7.08 -22.83
CA HIS A 287 -9.94 -8.40 -22.27
C HIS A 287 -9.64 -9.41 -23.36
N LEU A 288 -8.35 -9.70 -23.55
CA LEU A 288 -7.94 -10.64 -24.58
C LEU A 288 -7.98 -12.06 -24.03
N ILE A 289 -9.19 -12.56 -23.83
CA ILE A 289 -9.40 -13.95 -23.39
C ILE A 289 -10.37 -14.54 -24.43
N PRO A 290 -10.10 -15.76 -24.88
CA PRO A 290 -10.99 -16.35 -25.88
C PRO A 290 -12.29 -16.89 -25.28
N SER A 291 -13.31 -16.98 -26.13
CA SER A 291 -14.59 -17.58 -25.73
C SER A 291 -15.02 -18.41 -26.94
N PRO A 292 -15.14 -19.73 -26.76
CA PRO A 292 -14.91 -20.51 -25.54
C PRO A 292 -13.43 -20.60 -25.12
N PHE A 293 -13.23 -21.05 -23.89
CA PHE A 293 -11.88 -21.25 -23.36
C PHE A 293 -11.25 -22.47 -24.09
N PRO A 294 -9.91 -22.60 -24.06
CA PRO A 294 -9.22 -23.72 -24.70
C PRO A 294 -9.84 -25.05 -24.20
N GLU A 295 -9.88 -26.06 -25.06
CA GLU A 295 -10.45 -27.32 -24.65
C GLU A 295 -9.68 -27.91 -23.46
N VAL A 296 -8.38 -27.63 -23.38
CA VAL A 296 -7.56 -28.18 -22.28
C VAL A 296 -7.67 -27.39 -20.98
N TRP A 297 -8.52 -26.36 -20.94
CA TRP A 297 -8.64 -25.53 -19.73
C TRP A 297 -8.75 -26.31 -18.40
N HIS A 298 -7.85 -25.97 -17.47
CA HIS A 298 -7.78 -26.58 -16.14
C HIS A 298 -7.69 -28.08 -16.12
N THR A 299 -6.95 -28.56 -17.08
CA THR A 299 -6.69 -29.95 -17.30
C THR A 299 -5.14 -30.12 -17.37
N MET A 300 -4.63 -31.31 -17.05
CA MET A 300 -3.17 -31.56 -17.17
C MET A 300 -2.71 -31.48 -18.63
N ASP A 301 -3.67 -31.47 -19.58
CA ASP A 301 -3.31 -31.35 -20.97
C ASP A 301 -3.04 -29.88 -21.37
N ASP A 302 -3.15 -28.93 -20.43
CA ASP A 302 -2.87 -27.53 -20.79
C ASP A 302 -1.36 -27.44 -20.67
N ASN A 303 -0.71 -28.00 -21.69
CA ASN A 303 0.74 -28.13 -21.71
C ASN A 303 1.36 -27.63 -22.99
N GLU A 304 2.69 -27.78 -23.06
CA GLU A 304 3.43 -27.32 -24.22
C GLU A 304 3.01 -27.99 -25.52
N GLU A 305 2.79 -29.30 -25.46
CA GLU A 305 2.41 -30.04 -26.65
C GLU A 305 1.15 -29.53 -27.32
N ASN A 306 0.19 -29.04 -26.54
CA ASN A 306 -1.05 -28.57 -27.11
C ASN A 306 -1.09 -27.11 -27.53
N LEU A 307 0.05 -26.42 -27.42
CA LEU A 307 0.11 -25.02 -27.87
C LEU A 307 0.22 -24.99 -29.39
N ASP A 308 -0.32 -23.91 -29.99
CA ASP A 308 -0.33 -23.70 -31.44
C ASP A 308 0.67 -22.59 -31.69
N GLU A 309 1.85 -22.99 -32.13
CA GLU A 309 2.93 -22.04 -32.36
C GLU A 309 2.63 -20.89 -33.29
N SER A 310 2.06 -21.20 -34.45
CA SER A 310 1.82 -20.12 -35.39
C SER A 310 0.77 -19.14 -34.91
N THR A 311 -0.21 -19.62 -34.14
CA THR A 311 -1.25 -18.71 -33.63
C THR A 311 -0.64 -17.73 -32.64
N ILE A 312 0.25 -18.23 -31.79
CA ILE A 312 0.92 -17.37 -30.81
C ILE A 312 1.81 -16.35 -31.57
N ASP A 313 2.52 -16.82 -32.59
CA ASP A 313 3.36 -15.93 -33.39
C ASP A 313 2.52 -14.81 -34.01
N ASN A 314 1.39 -15.18 -34.61
CA ASN A 314 0.48 -14.21 -35.22
C ASN A 314 -0.02 -13.20 -34.17
N LEU A 315 -0.42 -13.69 -33.00
CA LEU A 315 -0.91 -12.80 -31.95
C LEU A 315 0.22 -11.89 -31.43
N ASN A 316 1.45 -12.38 -31.40
CA ASN A 316 2.57 -11.53 -30.97
C ASN A 316 2.68 -10.35 -31.93
N LYS A 317 2.58 -10.64 -33.23
CA LYS A 317 2.68 -9.57 -34.23
C LYS A 317 1.56 -8.58 -34.07
N ILE A 318 0.35 -9.07 -33.89
CA ILE A 318 -0.80 -8.16 -33.75
C ILE A 318 -0.68 -7.25 -32.52
N LEU A 319 -0.28 -7.85 -31.40
CA LEU A 319 -0.18 -7.14 -30.13
C LEU A 319 0.97 -6.11 -30.19
N GLN A 320 2.09 -6.49 -30.77
CA GLN A 320 3.21 -5.54 -30.86
C GLN A 320 2.82 -4.34 -31.74
N VAL A 321 2.13 -4.57 -32.86
CA VAL A 321 1.70 -3.48 -33.69
C VAL A 321 0.72 -2.60 -32.88
N PHE A 322 -0.20 -3.25 -32.18
CA PHE A 322 -1.17 -2.49 -31.38
C PHE A 322 -0.46 -1.57 -30.36
N VAL A 323 0.55 -2.10 -29.69
CA VAL A 323 1.24 -1.31 -28.66
C VAL A 323 2.01 -0.15 -29.30
N LEU A 324 2.72 -0.43 -30.40
CA LEU A 324 3.45 0.68 -31.04
C LEU A 324 2.48 1.75 -31.54
N GLU A 325 1.36 1.37 -32.14
CA GLU A 325 0.41 2.36 -32.63
C GLU A 325 -0.19 3.17 -31.47
N TYR A 326 -0.44 2.51 -30.34
CA TYR A 326 -1.02 3.20 -29.20
C TYR A 326 -0.02 4.24 -28.66
N LEU A 327 1.23 3.84 -28.54
CA LEU A 327 2.26 4.70 -27.99
C LEU A 327 2.87 5.69 -28.98
N HIS A 328 2.47 5.62 -30.25
CA HIS A 328 3.01 6.49 -31.31
C HIS A 328 4.50 6.22 -31.49
N LEU A 329 4.89 4.95 -31.53
CA LEU A 329 6.28 4.55 -31.73
C LEU A 329 6.48 3.83 -33.05
N ALA B 1 3.61 -21.14 12.42
CA ALA B 1 3.28 -21.21 13.87
C ALA B 1 4.31 -20.42 14.66
N SER B 2 4.53 -19.17 14.25
CA SER B 2 5.49 -18.33 14.93
C SER B 2 5.08 -18.05 16.35
N ALA B 3 6.05 -18.11 17.25
CA ALA B 3 5.78 -17.85 18.65
C ALA B 3 5.97 -16.38 18.97
N TRP B 4 6.75 -15.65 18.17
CA TRP B 4 6.99 -14.25 18.50
C TRP B 4 5.75 -13.33 18.66
N PRO B 5 4.67 -13.55 17.89
CA PRO B 5 3.50 -12.67 18.06
C PRO B 5 2.85 -12.78 19.43
N GLU B 6 3.22 -13.82 20.17
CA GLU B 6 2.64 -14.04 21.49
C GLU B 6 3.46 -13.40 22.59
N GLU B 7 4.70 -13.04 22.28
CA GLU B 7 5.60 -12.48 23.29
C GLU B 7 5.01 -11.28 24.03
N LYS B 8 4.23 -10.46 23.34
CA LYS B 8 3.62 -9.30 24.00
C LYS B 8 2.77 -9.69 25.22
N ASN B 9 2.17 -10.89 25.21
CA ASN B 9 1.36 -11.32 26.34
C ASN B 9 2.18 -11.51 27.61
N TYR B 10 3.45 -11.89 27.46
CA TYR B 10 4.31 -12.15 28.61
C TYR B 10 5.32 -11.06 28.90
N HIS B 11 5.39 -10.06 28.03
CA HIS B 11 6.39 -9.01 28.21
C HIS B 11 6.25 -8.25 29.52
N GLN B 12 7.39 -8.04 30.18
CA GLN B 12 7.45 -7.33 31.46
C GLN B 12 8.42 -6.15 31.37
N PRO B 13 8.14 -5.06 32.08
CA PRO B 13 9.03 -3.89 32.04
C PRO B 13 10.24 -4.13 32.94
N ALA B 14 11.32 -3.38 32.68
CA ALA B 14 12.53 -3.43 33.49
C ALA B 14 12.44 -2.08 34.19
N ILE B 15 11.95 -2.10 35.42
CA ILE B 15 11.72 -0.90 36.21
C ILE B 15 12.97 -0.08 36.59
N LEU B 16 12.87 1.24 36.44
CA LEU B 16 13.98 2.13 36.75
C LEU B 16 14.06 2.43 38.24
N ASN B 17 15.26 2.48 38.79
CA ASN B 17 15.41 2.78 40.21
C ASN B 17 15.35 4.29 40.43
N SER B 18 15.28 4.71 41.69
CA SER B 18 15.21 6.14 42.05
C SER B 18 16.22 7.00 41.30
N SER B 19 17.45 6.51 41.20
CA SER B 19 18.50 7.25 40.53
C SER B 19 18.22 7.48 39.04
N ALA B 20 17.82 6.41 38.36
CA ALA B 20 17.53 6.49 36.94
C ALA B 20 16.34 7.42 36.70
N LEU B 21 15.38 7.41 37.62
CA LEU B 21 14.22 8.26 37.49
C LEU B 21 14.63 9.73 37.57
N ARG B 22 15.58 10.04 38.45
CA ARG B 22 16.04 11.41 38.59
C ARG B 22 16.71 11.81 37.29
N GLN B 23 17.46 10.88 36.70
CA GLN B 23 18.14 11.15 35.44
C GLN B 23 17.10 11.48 34.35
N ILE B 24 16.01 10.73 34.32
CA ILE B 24 14.98 10.96 33.32
C ILE B 24 14.33 12.31 33.52
N ALA B 25 13.95 12.61 34.76
CA ALA B 25 13.29 13.87 35.07
C ALA B 25 14.15 15.06 34.66
N GLU B 26 15.47 14.91 34.78
CA GLU B 26 16.41 15.98 34.44
C GLU B 26 16.83 15.98 32.98
N GLY B 27 16.56 14.87 32.28
CA GLY B 27 16.96 14.81 30.89
C GLY B 27 15.99 15.43 29.90
N THR B 28 14.78 15.73 30.35
CA THR B 28 13.81 16.32 29.46
C THR B 28 13.61 17.82 29.76
N SER B 29 13.44 18.60 28.70
CA SER B 29 13.27 20.05 28.86
C SER B 29 11.98 20.58 28.23
N ILE B 30 11.01 20.92 29.06
CA ILE B 30 9.74 21.43 28.56
C ILE B 30 9.91 22.76 27.79
N SER B 31 10.88 23.59 28.16
CA SER B 31 11.06 24.84 27.44
C SER B 31 11.65 24.60 26.05
N GLU B 32 12.56 23.62 25.93
CA GLU B 32 13.15 23.31 24.64
C GLU B 32 12.06 22.68 23.74
N MET B 33 11.21 21.84 24.34
CA MET B 33 10.15 21.24 23.55
C MET B 33 9.20 22.35 23.06
N TRP B 34 8.84 23.25 23.98
CA TRP B 34 7.93 24.33 23.63
C TRP B 34 8.40 25.12 22.44
N GLN B 35 9.65 25.54 22.48
CA GLN B 35 10.21 26.35 21.41
C GLN B 35 10.58 25.62 20.13
N ASN B 36 11.20 24.46 20.27
CA ASN B 36 11.70 23.76 19.11
C ASN B 36 10.78 22.73 18.47
N ASP B 37 9.90 22.15 19.27
CA ASP B 37 9.00 21.11 18.77
C ASP B 37 7.54 21.49 18.69
N LEU B 38 7.05 22.22 19.69
CA LEU B 38 5.63 22.61 19.73
C LEU B 38 5.26 23.84 18.93
N GLN B 39 5.95 24.95 19.15
CA GLN B 39 5.56 26.14 18.43
C GLN B 39 5.44 26.04 16.89
N PRO B 40 6.36 25.35 16.18
CA PRO B 40 6.20 25.29 14.73
C PRO B 40 4.93 24.54 14.30
N LEU B 41 4.36 23.75 15.19
CA LEU B 41 3.14 22.99 14.87
C LEU B 41 1.84 23.72 15.16
N LEU B 42 1.91 24.85 15.89
CA LEU B 42 0.69 25.59 16.24
C LEU B 42 0.28 26.45 15.07
N ILE B 43 -0.08 25.79 13.98
CA ILE B 43 -0.47 26.41 12.72
C ILE B 43 -1.65 25.63 12.13
N GLU B 44 -2.39 26.28 11.21
CA GLU B 44 -3.51 25.64 10.51
C GLU B 44 -2.87 24.53 9.65
N ARG B 45 -3.27 23.28 9.91
CA ARG B 45 -2.65 22.16 9.21
C ARG B 45 -3.63 21.02 8.87
N TYR B 46 -4.75 21.38 8.29
CA TYR B 46 -5.71 20.36 7.90
C TYR B 46 -5.14 19.65 6.66
N PRO B 47 -5.62 18.43 6.37
CA PRO B 47 -5.10 17.68 5.22
C PRO B 47 -5.12 18.41 3.88
N GLY B 48 -3.96 18.39 3.21
CA GLY B 48 -3.82 19.03 1.91
C GLY B 48 -3.42 20.50 1.98
N SER B 49 -3.45 21.08 3.17
CA SER B 49 -3.10 22.53 3.32
C SER B 49 -1.58 22.68 3.35
N PRO B 50 -1.08 23.92 3.17
CA PRO B 50 0.38 24.08 3.21
C PRO B 50 0.88 23.79 4.63
N GLY B 51 0.05 24.03 5.64
CA GLY B 51 0.43 23.79 7.02
C GLY B 51 0.66 22.29 7.25
N SER B 52 -0.11 21.46 6.55
CA SER B 52 0.06 20.00 6.68
C SER B 52 1.48 19.64 6.22
N TYR B 53 1.87 20.13 5.04
CA TYR B 53 3.23 19.84 4.54
C TYR B 53 4.32 20.45 5.44
N ALA B 54 4.08 21.66 5.94
CA ALA B 54 5.05 22.31 6.83
C ALA B 54 5.22 21.48 8.11
N ALA B 55 4.11 20.98 8.64
CA ALA B 55 4.17 20.18 9.87
C ALA B 55 4.92 18.87 9.61
N ARG B 56 4.66 18.25 8.46
CA ARG B 56 5.32 17.01 8.09
C ARG B 56 6.82 17.25 7.97
N GLN B 57 7.21 18.33 7.31
CA GLN B 57 8.64 18.65 7.16
C GLN B 57 9.29 18.88 8.52
N HIS B 58 8.57 19.57 9.41
CA HIS B 58 9.08 19.86 10.75
C HIS B 58 9.32 18.59 11.54
N ILE B 59 8.33 17.70 11.51
CA ILE B 59 8.44 16.45 12.26
C ILE B 59 9.61 15.65 11.69
N MET B 60 9.70 15.58 10.37
CA MET B 60 10.79 14.84 9.74
C MET B 60 12.15 15.43 10.06
N GLN B 61 12.25 16.75 10.01
CA GLN B 61 13.54 17.38 10.30
C GLN B 61 13.97 17.22 11.77
N ARG B 62 13.03 17.31 12.71
CA ARG B 62 13.39 17.16 14.11
C ARG B 62 13.83 15.74 14.41
N ILE B 63 13.29 14.77 13.67
CA ILE B 63 13.68 13.39 13.89
C ILE B 63 15.02 13.09 13.19
N GLN B 64 15.20 13.57 11.97
CA GLN B 64 16.45 13.33 11.21
C GLN B 64 17.72 13.88 11.86
N ARG B 65 17.60 14.89 12.71
CA ARG B 65 18.78 15.48 13.35
C ARG B 65 19.23 14.70 14.60
N LEU B 66 18.47 13.69 15.00
CA LEU B 66 18.80 12.90 16.17
C LEU B 66 19.84 11.84 15.80
N GLN B 67 20.54 11.32 16.79
CA GLN B 67 21.55 10.30 16.54
C GLN B 67 20.99 8.91 16.31
N ALA B 68 19.95 8.54 17.06
CA ALA B 68 19.37 7.21 16.88
C ALA B 68 19.08 6.97 15.39
N ASP B 69 19.06 5.70 14.99
CA ASP B 69 18.87 5.31 13.61
C ASP B 69 17.42 5.25 13.15
N TRP B 70 16.70 6.36 13.28
CA TRP B 70 15.31 6.38 12.86
C TRP B 70 15.14 6.25 11.35
N VAL B 71 14.16 5.44 10.94
CA VAL B 71 13.87 5.28 9.52
C VAL B 71 12.49 5.90 9.27
N LEU B 72 12.47 6.93 8.44
CA LEU B 72 11.24 7.64 8.14
C LEU B 72 10.58 7.16 6.86
N GLU B 73 9.28 6.93 6.95
CA GLU B 73 8.49 6.52 5.79
C GLU B 73 7.27 7.44 5.75
N ILE B 74 7.01 8.03 4.58
CA ILE B 74 5.84 8.88 4.40
C ILE B 74 4.84 8.01 3.69
N ASP B 75 3.69 7.78 4.32
CA ASP B 75 2.63 6.92 3.77
C ASP B 75 1.54 7.80 3.19
N THR B 76 1.69 8.10 1.89
CA THR B 76 0.79 8.99 1.16
C THR B 76 -0.25 8.21 0.39
N PHE B 77 -1.51 8.55 0.63
CA PHE B 77 -2.61 7.86 -0.03
C PHE B 77 -3.75 8.80 -0.39
N LEU B 78 -4.63 8.30 -1.23
CA LEU B 78 -5.77 9.07 -1.69
C LEU B 78 -7.01 8.44 -1.08
N SER B 79 -7.93 9.28 -0.63
CA SER B 79 -9.16 8.79 -0.08
C SER B 79 -10.33 9.71 -0.43
N GLN B 80 -11.50 9.13 -0.55
CA GLN B 80 -12.69 9.91 -0.82
C GLN B 80 -13.10 10.65 0.47
N THR B 81 -13.55 11.90 0.33
CA THR B 81 -13.99 12.72 1.48
C THR B 81 -15.26 13.42 1.02
N PRO B 82 -15.95 14.16 1.93
CA PRO B 82 -17.18 14.88 1.57
C PRO B 82 -16.89 15.95 0.52
N TYR B 83 -15.60 16.23 0.30
CA TYR B 83 -15.19 17.24 -0.68
C TYR B 83 -14.51 16.63 -1.90
N GLY B 84 -14.62 15.32 -2.06
CA GLY B 84 -14.00 14.66 -3.18
C GLY B 84 -12.72 13.95 -2.76
N TYR B 85 -11.99 13.40 -3.73
CA TYR B 85 -10.75 12.71 -3.39
C TYR B 85 -9.71 13.71 -2.87
N ARG B 86 -8.98 13.31 -1.84
CA ARG B 86 -7.90 14.14 -1.27
C ARG B 86 -6.74 13.25 -0.91
N SER B 87 -5.56 13.84 -0.91
CA SER B 87 -4.33 13.17 -0.55
C SER B 87 -4.03 13.44 0.93
N PHE B 88 -3.52 12.41 1.60
CA PHE B 88 -3.19 12.39 3.03
C PHE B 88 -1.82 11.75 3.16
N SER B 89 -1.08 12.12 4.20
CA SER B 89 0.24 11.53 4.38
C SER B 89 0.54 11.18 5.83
N ASN B 90 0.59 9.88 6.16
CA ASN B 90 0.96 9.50 7.51
C ASN B 90 2.47 9.55 7.61
N ILE B 91 2.97 9.85 8.81
CA ILE B 91 4.40 9.87 9.02
C ILE B 91 4.73 8.73 9.96
N ILE B 92 5.64 7.85 9.55
CA ILE B 92 6.02 6.72 10.39
C ILE B 92 7.54 6.77 10.59
N SER B 93 7.96 6.75 11.84
CA SER B 93 9.38 6.86 12.17
C SER B 93 9.70 5.59 12.95
N THR B 94 10.58 4.77 12.41
CA THR B 94 10.84 3.48 13.06
C THR B 94 12.29 3.18 13.36
N LEU B 95 12.53 2.63 14.54
CA LEU B 95 13.88 2.18 14.91
C LEU B 95 13.86 0.67 14.64
N ASN B 96 14.87 0.15 13.97
CA ASN B 96 14.96 -1.29 13.64
C ASN B 96 13.71 -1.77 12.89
N PRO B 97 13.50 -1.28 11.64
CA PRO B 97 12.34 -1.64 10.81
C PRO B 97 12.09 -3.13 10.71
N THR B 98 13.19 -3.87 10.67
CA THR B 98 13.19 -5.32 10.56
C THR B 98 12.91 -6.05 11.88
N ALA B 99 13.08 -5.34 13.00
CA ALA B 99 12.81 -5.94 14.30
C ALA B 99 11.37 -6.44 14.25
N LYS B 100 11.14 -7.65 14.76
CA LYS B 100 9.80 -8.23 14.73
C LYS B 100 8.71 -7.50 15.54
N ARG B 101 9.09 -6.98 16.71
CA ARG B 101 8.13 -6.30 17.58
C ARG B 101 8.47 -4.82 17.81
N HIS B 102 7.44 -4.00 17.93
CA HIS B 102 7.67 -2.60 18.26
C HIS B 102 6.62 -2.12 19.20
N LEU B 103 7.05 -1.27 20.14
CA LEU B 103 6.12 -0.60 21.02
C LEU B 103 5.80 0.60 20.11
N VAL B 104 4.54 1.01 20.03
CA VAL B 104 4.19 2.11 19.12
C VAL B 104 3.53 3.25 19.86
N LEU B 105 4.04 4.47 19.64
CA LEU B 105 3.47 5.69 20.23
C LEU B 105 2.91 6.43 19.05
N ALA B 106 1.73 7.00 19.21
CA ALA B 106 1.13 7.69 18.08
C ALA B 106 0.24 8.84 18.51
N CYS B 107 -0.09 9.67 17.52
CA CYS B 107 -1.02 10.79 17.71
C CYS B 107 -1.38 11.24 16.30
N HIS B 108 -2.27 12.23 16.18
CA HIS B 108 -2.58 12.73 14.85
C HIS B 108 -1.93 14.11 14.70
N TYR B 109 -1.38 14.39 13.51
CA TYR B 109 -0.76 15.71 13.32
C TYR B 109 -1.60 16.68 12.51
N ASP B 110 -2.73 16.23 11.95
CA ASP B 110 -3.59 17.17 11.26
C ASP B 110 -4.37 18.02 12.29
N SER B 111 -4.86 19.17 11.84
CA SER B 111 -5.74 19.97 12.68
C SER B 111 -7.07 19.95 11.95
N LYS B 112 -8.16 20.06 12.71
CA LYS B 112 -9.49 20.01 12.13
C LYS B 112 -9.74 21.20 11.19
N TYR B 113 -10.34 20.91 10.03
CA TYR B 113 -10.67 21.95 9.06
C TYR B 113 -11.84 22.80 9.59
N PHE B 114 -11.59 24.10 9.76
CA PHE B 114 -12.65 25.01 10.22
C PHE B 114 -12.53 26.34 9.44
N SER B 115 -13.63 27.06 9.32
CA SER B 115 -13.60 28.37 8.68
C SER B 115 -12.94 29.21 9.76
N HIS B 116 -12.52 30.42 9.42
CA HIS B 116 -11.87 31.29 10.40
C HIS B 116 -12.86 32.06 11.28
N TRP B 117 -13.52 31.35 12.18
CA TRP B 117 -14.51 31.97 13.06
C TRP B 117 -13.96 33.17 13.86
N ASN B 118 -14.65 34.30 13.78
CA ASN B 118 -14.22 35.50 14.49
C ASN B 118 -12.81 35.88 14.10
N ASN B 119 -12.45 35.56 12.87
CA ASN B 119 -11.12 35.83 12.33
C ASN B 119 -10.00 35.19 13.12
N ARG B 120 -10.30 34.05 13.69
CA ARG B 120 -9.32 33.28 14.45
C ARG B 120 -9.08 32.02 13.63
N VAL B 121 -7.97 31.33 13.88
CA VAL B 121 -7.63 30.11 13.13
C VAL B 121 -7.50 28.97 14.12
N PHE B 122 -8.11 27.82 13.82
CA PHE B 122 -8.04 26.67 14.71
C PHE B 122 -6.71 25.97 14.54
N VAL B 123 -6.01 25.78 15.65
CA VAL B 123 -4.72 25.12 15.59
C VAL B 123 -4.66 23.87 16.43
N GLY B 124 -5.74 23.52 17.10
CA GLY B 124 -5.73 22.29 17.90
C GLY B 124 -4.48 22.08 18.73
N ALA B 125 -4.24 22.98 19.68
CA ALA B 125 -3.03 22.86 20.52
C ALA B 125 -2.97 21.53 21.30
N THR B 126 -4.05 21.15 21.96
CA THR B 126 -4.07 19.88 22.69
C THR B 126 -4.52 18.77 21.72
N ASP B 127 -4.99 19.17 20.52
CA ASP B 127 -5.60 18.24 19.56
C ASP B 127 -5.04 18.36 18.13
N SER B 128 -3.81 17.91 17.87
CA SER B 128 -2.98 17.26 18.86
C SER B 128 -1.54 17.74 18.73
N ALA B 129 -1.31 19.00 18.67
CA ALA B 129 0.02 19.57 18.52
C ALA B 129 0.88 19.16 19.71
N VAL B 130 0.32 19.24 20.91
CA VAL B 130 1.12 18.88 22.09
C VAL B 130 1.54 17.41 22.02
N PRO B 131 0.61 16.48 21.77
CA PRO B 131 1.04 15.07 21.68
C PRO B 131 2.21 14.91 20.66
N CYS B 132 2.13 15.62 19.53
CA CYS B 132 3.19 15.55 18.52
C CYS B 132 4.52 15.97 19.11
N ALA B 133 4.48 17.09 19.80
CA ALA B 133 5.69 17.66 20.42
C ALA B 133 6.19 16.77 21.54
N MET B 134 5.29 16.12 22.25
CA MET B 134 5.71 15.20 23.31
C MET B 134 6.45 14.02 22.69
N MET B 135 5.96 13.50 21.58
CA MET B 135 6.67 12.39 20.94
C MET B 135 8.05 12.82 20.45
N LEU B 136 8.12 14.02 19.86
CA LEU B 136 9.38 14.54 19.37
C LEU B 136 10.37 14.76 20.53
N GLU B 137 9.88 15.30 21.64
CA GLU B 137 10.73 15.54 22.81
C GLU B 137 11.19 14.20 23.42
N LEU B 138 10.33 13.19 23.37
CA LEU B 138 10.73 11.87 23.87
C LEU B 138 11.88 11.34 23.01
N ALA B 139 11.76 11.44 21.69
CA ALA B 139 12.82 10.97 20.81
C ALA B 139 14.13 11.71 21.12
N ARG B 140 14.04 13.01 21.35
CA ARG B 140 15.23 13.79 21.64
C ARG B 140 15.82 13.46 23.01
N ALA B 141 14.97 13.46 24.04
CA ALA B 141 15.42 13.22 25.42
C ALA B 141 16.03 11.84 25.63
N LEU B 142 15.48 10.84 24.95
CA LEU B 142 15.97 9.48 25.07
C LEU B 142 16.91 9.06 23.96
N ASP B 143 17.36 10.03 23.15
CA ASP B 143 18.21 9.74 22.01
C ASP B 143 19.43 8.84 22.28
N LYS B 144 20.19 9.17 23.31
CA LYS B 144 21.38 8.39 23.63
C LYS B 144 21.02 6.94 23.89
N LYS B 145 20.00 6.73 24.72
CA LYS B 145 19.56 5.38 25.03
C LYS B 145 18.99 4.64 23.81
N LEU B 146 18.24 5.35 22.96
CA LEU B 146 17.64 4.72 21.79
C LEU B 146 18.69 4.39 20.74
N LEU B 147 19.77 5.17 20.71
CA LEU B 147 20.84 4.92 19.75
C LEU B 147 21.43 3.53 19.99
N SER B 148 21.38 3.08 21.25
CA SER B 148 21.93 1.76 21.61
C SER B 148 21.14 0.60 20.99
N LEU B 149 20.02 0.92 20.34
CA LEU B 149 19.19 -0.10 19.69
C LEU B 149 19.71 -0.44 18.29
N LYS B 150 20.58 0.42 17.76
CA LYS B 150 21.12 0.21 16.42
C LYS B 150 21.81 -1.15 16.31
N PRO B 157 13.65 -10.39 22.69
CA PRO B 157 14.06 -8.96 22.83
C PRO B 157 14.26 -8.29 21.47
N ASP B 158 13.69 -8.89 20.41
CA ASP B 158 13.77 -8.30 19.09
C ASP B 158 12.58 -7.35 19.13
N LEU B 159 12.73 -6.33 19.98
CA LEU B 159 11.71 -5.33 20.24
C LEU B 159 12.30 -3.92 20.16
N SER B 160 11.68 -3.05 19.37
CA SER B 160 12.18 -1.68 19.27
C SER B 160 11.02 -0.69 19.34
N LEU B 161 11.26 0.54 18.88
CA LEU B 161 10.27 1.62 18.97
C LEU B 161 9.84 2.20 17.64
N GLN B 162 8.56 2.57 17.57
CA GLN B 162 7.99 3.17 16.36
C GLN B 162 7.07 4.32 16.77
N LEU B 163 7.14 5.42 16.02
CA LEU B 163 6.25 6.56 16.24
C LEU B 163 5.40 6.71 14.98
N ILE B 164 4.12 6.96 15.16
CA ILE B 164 3.24 7.19 14.04
C ILE B 164 2.51 8.51 14.26
N PHE B 165 2.59 9.38 13.26
CA PHE B 165 1.87 10.65 13.30
C PHE B 165 0.83 10.49 12.21
N PHE B 166 -0.42 10.25 12.60
CA PHE B 166 -1.51 10.07 11.63
C PHE B 166 -2.00 11.35 11.00
N ASP B 167 -2.32 11.28 9.71
CA ASP B 167 -2.92 12.43 9.03
C ASP B 167 -4.43 12.15 9.01
N GLY B 168 -5.24 13.19 8.84
CA GLY B 168 -6.68 12.95 8.70
C GLY B 168 -7.48 12.28 9.80
N GLU B 169 -7.08 12.47 11.05
CA GLU B 169 -7.84 11.90 12.14
C GLU B 169 -9.21 12.57 12.19
N GLU B 170 -9.25 13.88 11.96
CA GLU B 170 -10.49 14.62 12.07
C GLU B 170 -11.41 14.47 10.86
N ALA B 171 -12.70 14.59 11.10
CA ALA B 171 -13.65 14.56 10.00
C ALA B 171 -13.49 15.89 9.27
N PHE B 172 -13.78 15.91 7.98
CA PHE B 172 -13.76 17.13 7.21
C PHE B 172 -15.09 17.89 7.38
N LEU B 173 -16.19 17.14 7.52
CA LEU B 173 -17.53 17.76 7.62
C LEU B 173 -18.40 17.30 8.79
N HIS B 174 -18.44 15.99 9.04
CA HIS B 174 -19.23 15.45 10.13
C HIS B 174 -18.69 14.06 10.42
N TRP B 175 -18.29 13.85 11.66
CA TRP B 175 -17.71 12.58 12.10
C TRP B 175 -18.63 11.40 11.81
N SER B 176 -18.13 10.47 11.00
CA SER B 176 -18.88 9.28 10.65
C SER B 176 -17.84 8.28 10.18
N PRO B 177 -18.24 7.03 9.92
CA PRO B 177 -17.27 6.02 9.47
C PRO B 177 -16.45 6.39 8.24
N GLN B 178 -17.06 7.04 7.25
CA GLN B 178 -16.31 7.42 6.06
C GLN B 178 -15.72 8.85 6.09
N ASP B 179 -15.99 9.62 7.16
CA ASP B 179 -15.41 10.97 7.26
C ASP B 179 -14.80 11.12 8.65
N SER B 180 -13.58 10.61 8.80
CA SER B 180 -12.78 10.64 10.01
C SER B 180 -11.79 9.49 9.92
N LEU B 181 -10.76 9.55 10.74
CA LEU B 181 -9.74 8.48 10.81
C LEU B 181 -9.20 8.03 9.46
N TYR B 182 -9.03 8.98 8.54
CA TYR B 182 -8.54 8.63 7.23
C TYR B 182 -7.18 7.93 7.26
N GLY B 183 -6.24 8.54 7.99
CA GLY B 183 -4.90 7.99 8.07
C GLY B 183 -4.77 6.66 8.79
N SER B 184 -5.45 6.54 9.92
CA SER B 184 -5.37 5.29 10.69
C SER B 184 -6.16 4.15 10.02
N ARG B 185 -7.30 4.45 9.40
CA ARG B 185 -8.03 3.39 8.70
C ARG B 185 -7.15 2.85 7.57
N HIS B 186 -6.50 3.74 6.85
CA HIS B 186 -5.65 3.33 5.76
C HIS B 186 -4.44 2.55 6.27
N LEU B 187 -3.77 3.08 7.30
CA LEU B 187 -2.54 2.44 7.77
C LEU B 187 -2.78 1.09 8.43
N ALA B 188 -3.85 0.97 9.18
CA ALA B 188 -4.19 -0.28 9.85
C ALA B 188 -4.44 -1.32 8.75
N ALA B 189 -5.18 -0.94 7.71
CA ALA B 189 -5.43 -1.92 6.61
C ALA B 189 -4.11 -2.29 5.90
N LYS B 190 -3.24 -1.31 5.71
CA LYS B 190 -1.97 -1.54 5.03
C LYS B 190 -1.03 -2.42 5.87
N MET B 191 -0.95 -2.15 7.16
CA MET B 191 -0.07 -2.97 7.99
C MET B 191 -0.60 -4.39 8.14
N ALA B 192 -1.92 -4.54 8.17
CA ALA B 192 -2.53 -5.86 8.34
C ALA B 192 -2.27 -6.76 7.15
N SER B 193 -1.96 -6.17 6.01
CA SER B 193 -1.73 -6.99 4.82
C SER B 193 -0.28 -6.93 4.34
N THR B 194 0.61 -6.43 5.19
CA THR B 194 2.02 -6.37 4.85
C THR B 194 2.76 -7.43 5.66
N PRO B 195 3.40 -8.41 4.99
CA PRO B 195 4.11 -9.44 5.77
C PRO B 195 5.17 -8.86 6.68
N HIS B 196 5.29 -9.41 7.88
CA HIS B 196 6.32 -8.95 8.79
C HIS B 196 6.76 -10.11 9.66
N PRO B 197 8.06 -10.34 9.78
CA PRO B 197 9.14 -9.56 9.15
C PRO B 197 9.20 -9.87 7.64
N PRO B 198 9.99 -9.13 6.88
CA PRO B 198 10.08 -9.39 5.43
C PRO B 198 10.25 -10.89 5.15
N GLY B 199 9.47 -11.41 4.20
CA GLY B 199 9.54 -12.82 3.86
C GLY B 199 8.55 -13.71 4.60
N ALA B 200 7.91 -13.20 5.64
CA ALA B 200 6.96 -13.99 6.41
C ALA B 200 5.77 -14.43 5.56
N ARG B 201 5.25 -15.63 5.84
CA ARG B 201 4.13 -16.12 5.05
C ARG B 201 2.78 -15.93 5.70
N GLY B 202 2.76 -15.75 7.03
CA GLY B 202 1.47 -15.62 7.67
C GLY B 202 1.31 -14.61 8.79
N THR B 203 2.34 -13.81 9.02
CA THR B 203 2.33 -12.79 10.09
C THR B 203 2.47 -11.41 9.43
N SER B 204 1.78 -10.42 9.99
CA SER B 204 1.79 -9.05 9.40
C SER B 204 2.46 -8.03 10.31
N GLN B 205 2.63 -6.81 9.79
CA GLN B 205 3.18 -5.71 10.57
C GLN B 205 2.25 -5.41 11.73
N LEU B 206 0.96 -5.67 11.56
CA LEU B 206 0.03 -5.42 12.66
C LEU B 206 0.33 -6.36 13.84
N HIS B 207 0.66 -7.60 13.52
CA HIS B 207 0.99 -8.56 14.58
C HIS B 207 2.23 -8.08 15.34
N GLY B 208 3.06 -7.31 14.66
CA GLY B 208 4.28 -6.80 15.26
C GLY B 208 4.08 -5.67 16.25
N MET B 209 2.88 -5.08 16.28
CA MET B 209 2.57 -3.99 17.21
C MET B 209 2.29 -4.55 18.62
N ASP B 210 3.29 -4.47 19.48
CA ASP B 210 3.14 -4.93 20.85
C ASP B 210 2.01 -4.23 21.58
N LEU B 211 1.95 -2.91 21.40
CA LEU B 211 0.96 -2.10 22.11
C LEU B 211 0.96 -0.74 21.39
N LEU B 212 -0.23 -0.18 21.21
CA LEU B 212 -0.39 1.12 20.57
C LEU B 212 -0.76 2.10 21.67
N VAL B 213 0.17 3.01 21.95
CA VAL B 213 -0.03 4.03 22.99
C VAL B 213 -0.41 5.28 22.20
N LEU B 214 -1.69 5.60 22.20
CA LEU B 214 -2.18 6.72 21.42
C LEU B 214 -2.43 7.92 22.32
N LEU B 215 -1.68 9.01 22.06
CA LEU B 215 -1.82 10.27 22.82
C LEU B 215 -2.80 11.17 22.06
N ASP B 216 -3.76 11.75 22.76
CA ASP B 216 -4.73 12.66 22.14
C ASP B 216 -5.31 13.61 23.20
N LEU B 217 -5.51 14.86 22.79
CA LEU B 217 -6.11 15.87 23.67
C LEU B 217 -5.38 16.07 24.99
N ILE B 218 -4.07 16.18 24.89
CA ILE B 218 -3.24 16.38 26.07
C ILE B 218 -2.70 17.80 26.07
N GLY B 219 -2.66 18.42 27.24
CA GLY B 219 -2.11 19.77 27.33
C GLY B 219 -2.87 20.65 28.29
N ALA B 220 -4.11 20.28 28.57
CA ALA B 220 -4.94 21.04 29.50
C ALA B 220 -4.57 20.68 30.94
N PRO B 221 -4.88 21.57 31.88
CA PRO B 221 -4.55 21.25 33.26
C PRO B 221 -5.52 20.22 33.83
N ASN B 222 -5.06 19.54 34.87
CA ASN B 222 -5.84 18.54 35.58
C ASN B 222 -6.54 17.47 34.75
N PRO B 223 -5.80 16.81 33.85
CA PRO B 223 -6.40 15.77 33.02
C PRO B 223 -6.56 14.51 33.86
N THR B 224 -7.57 13.71 33.52
CA THR B 224 -7.79 12.43 34.20
C THR B 224 -7.95 11.40 33.09
N PHE B 225 -7.02 10.45 33.03
CA PHE B 225 -7.04 9.41 32.00
C PHE B 225 -7.60 8.12 32.57
N PRO B 226 -8.68 7.62 31.96
CA PRO B 226 -9.27 6.37 32.46
C PRO B 226 -8.56 5.14 31.89
N ASN B 227 -8.75 3.99 32.55
CA ASN B 227 -8.17 2.72 32.14
C ASN B 227 -9.21 2.09 31.22
N PHE B 228 -9.13 2.42 29.93
CA PHE B 228 -10.10 1.95 28.95
C PHE B 228 -10.28 0.47 28.62
N PHE B 229 -9.18 -0.27 28.57
CA PHE B 229 -9.26 -1.64 28.11
C PHE B 229 -8.66 -2.71 29.01
N PRO B 230 -9.42 -3.79 29.25
CA PRO B 230 -8.94 -4.87 30.10
C PRO B 230 -7.60 -5.41 29.64
N ASN B 231 -7.37 -5.52 28.34
CA ASN B 231 -6.12 -6.10 27.88
C ASN B 231 -4.85 -5.23 27.89
N SER B 232 -4.96 -4.00 28.39
CA SER B 232 -3.78 -3.15 28.51
C SER B 232 -3.78 -2.57 29.94
N ALA B 233 -4.73 -3.01 30.76
CA ALA B 233 -4.84 -2.55 32.15
C ALA B 233 -3.53 -2.64 32.92
N ARG B 234 -2.74 -3.70 32.69
CA ARG B 234 -1.48 -3.82 33.43
C ARG B 234 -0.48 -2.72 33.06
N TRP B 235 -0.55 -2.26 31.82
CA TRP B 235 0.35 -1.18 31.40
C TRP B 235 -0.19 0.15 31.93
N PHE B 236 -1.52 0.25 32.08
CA PHE B 236 -2.10 1.46 32.64
C PHE B 236 -1.63 1.53 34.09
N GLU B 237 -1.56 0.36 34.75
CA GLU B 237 -1.12 0.30 36.15
C GLU B 237 0.32 0.74 36.25
N ARG B 238 1.11 0.45 35.23
CA ARG B 238 2.49 0.88 35.24
C ARG B 238 2.55 2.42 35.20
N LEU B 239 1.70 3.04 34.37
CA LEU B 239 1.68 4.51 34.31
C LEU B 239 1.38 5.07 35.70
N GLN B 240 0.36 4.53 36.38
CA GLN B 240 0.01 4.97 37.72
C GLN B 240 1.22 4.87 38.66
N ALA B 241 1.85 3.70 38.65
CA ALA B 241 3.01 3.47 39.52
C ALA B 241 4.16 4.42 39.24
N ILE B 242 4.38 4.74 37.96
CA ILE B 242 5.45 5.65 37.57
C ILE B 242 5.10 7.06 38.03
N GLU B 243 3.82 7.43 37.88
CA GLU B 243 3.36 8.76 38.28
C GLU B 243 3.55 8.92 39.79
N HIS B 244 3.12 7.90 40.55
CA HIS B 244 3.20 7.93 42.00
C HIS B 244 4.64 8.07 42.49
N GLU B 245 5.52 7.23 41.97
CA GLU B 245 6.91 7.26 42.39
C GLU B 245 7.61 8.57 42.00
N LEU B 246 7.30 9.12 40.82
CA LEU B 246 7.92 10.38 40.43
C LEU B 246 7.42 11.49 41.37
N HIS B 247 6.17 11.38 41.79
CA HIS B 247 5.63 12.36 42.70
C HIS B 247 6.36 12.25 44.05
N GLU B 248 6.49 11.02 44.54
CA GLU B 248 7.16 10.78 45.83
C GLU B 248 8.64 11.18 45.86
N LEU B 249 9.31 11.11 44.72
CA LEU B 249 10.71 11.50 44.65
C LEU B 249 10.87 13.01 44.42
N GLY B 250 9.74 13.73 44.44
CA GLY B 250 9.75 15.17 44.22
C GLY B 250 10.15 15.55 42.80
N LEU B 251 9.89 14.66 41.85
CA LEU B 251 10.28 14.93 40.47
C LEU B 251 9.17 15.49 39.58
N LEU B 252 7.99 15.73 40.14
CA LEU B 252 6.88 16.33 39.40
C LEU B 252 6.60 17.75 39.90
N LYS B 253 6.02 18.60 39.06
CA LYS B 253 5.72 20.00 39.44
C LYS B 253 4.20 20.25 39.54
N ASP B 254 3.79 21.06 40.52
CA ASP B 254 2.38 21.38 40.70
C ASP B 254 1.52 20.12 40.63
N HIS B 255 2.00 19.05 41.24
CA HIS B 255 1.29 17.78 41.19
C HIS B 255 0.86 17.27 42.56
N SER B 256 -0.41 16.88 42.67
CA SER B 256 -0.94 16.34 43.92
C SER B 256 -1.46 14.93 43.66
N LEU B 257 -1.32 14.04 44.63
CA LEU B 257 -1.81 12.68 44.46
C LEU B 257 -3.33 12.68 44.40
N GLU B 258 -3.94 13.70 44.98
CA GLU B 258 -5.41 13.84 44.98
C GLU B 258 -5.86 14.23 43.57
N GLY B 259 -4.95 14.82 42.80
CA GLY B 259 -5.28 15.24 41.45
C GLY B 259 -4.44 14.49 40.44
N ARG B 260 -4.13 13.23 40.75
CA ARG B 260 -3.32 12.41 39.85
C ARG B 260 -3.97 12.22 38.49
N TYR B 261 -3.14 12.04 37.48
CA TYR B 261 -3.64 11.87 36.11
C TYR B 261 -4.21 10.49 35.84
N PHE B 262 -3.57 9.45 36.37
CA PHE B 262 -4.06 8.11 36.10
C PHE B 262 -4.87 7.54 37.24
N GLN B 263 -6.19 7.69 37.07
CA GLN B 263 -7.20 7.28 38.03
C GLN B 263 -7.62 5.82 37.92
N ASN B 264 -7.78 5.18 39.07
CA ASN B 264 -8.19 3.78 39.13
C ASN B 264 -9.67 3.70 38.73
N TYR B 265 -9.97 4.04 37.47
CA TYR B 265 -11.36 4.02 37.00
C TYR B 265 -11.47 3.62 35.53
N SER B 266 -12.52 2.89 35.21
CA SER B 266 -12.75 2.41 33.85
C SER B 266 -13.84 3.14 33.08
N TYR B 267 -13.74 3.08 31.76
CA TYR B 267 -14.69 3.70 30.85
C TYR B 267 -15.22 2.56 29.97
N GLY B 268 -16.39 2.07 30.32
CA GLY B 268 -17.04 0.96 29.64
C GLY B 268 -16.97 0.87 28.12
N GLY B 269 -17.41 1.93 27.46
CA GLY B 269 -17.39 1.94 26.01
C GLY B 269 -16.08 2.46 25.43
N VAL B 270 -16.16 3.03 24.24
CA VAL B 270 -14.96 3.55 23.65
C VAL B 270 -15.25 4.93 23.09
N ILE B 271 -14.18 5.64 22.86
CA ILE B 271 -14.23 6.96 22.28
C ILE B 271 -13.73 6.62 20.89
N GLN B 272 -14.27 7.22 19.84
CA GLN B 272 -13.75 6.92 18.51
C GLN B 272 -12.48 7.75 18.32
N ASP B 273 -11.40 7.12 17.88
CA ASP B 273 -10.12 7.80 17.64
C ASP B 273 -9.26 6.89 16.74
N ASP B 274 -8.03 7.31 16.46
CA ASP B 274 -7.14 6.57 15.56
C ASP B 274 -6.82 5.14 15.97
N HIS B 275 -7.07 4.77 17.22
CA HIS B 275 -6.76 3.40 17.64
C HIS B 275 -7.80 2.40 17.14
N ILE B 276 -8.98 2.89 16.80
CA ILE B 276 -10.09 1.99 16.41
C ILE B 276 -9.78 0.96 15.32
N PRO B 277 -9.19 1.39 14.18
CA PRO B 277 -8.86 0.42 13.11
C PRO B 277 -7.86 -0.63 13.57
N PHE B 278 -7.09 -0.29 14.59
CA PHE B 278 -6.10 -1.24 15.12
C PHE B 278 -6.74 -2.12 16.18
N LEU B 279 -7.51 -1.49 17.05
CA LEU B 279 -8.21 -2.19 18.13
C LEU B 279 -9.09 -3.30 17.54
N ARG B 280 -9.83 -2.95 16.49
CA ARG B 280 -10.75 -3.92 15.91
C ARG B 280 -10.08 -5.12 15.25
N ARG B 281 -8.76 -5.04 15.08
CA ARG B 281 -7.99 -6.09 14.47
C ARG B 281 -7.14 -6.83 15.48
N GLY B 282 -7.35 -6.51 16.76
CA GLY B 282 -6.66 -7.20 17.84
C GLY B 282 -5.45 -6.53 18.46
N VAL B 283 -5.06 -5.35 17.98
CA VAL B 283 -3.88 -4.70 18.55
C VAL B 283 -4.20 -4.16 19.96
N PRO B 284 -3.32 -4.41 20.94
CA PRO B 284 -3.61 -3.90 22.29
C PRO B 284 -3.40 -2.38 22.27
N VAL B 285 -4.29 -1.67 22.93
CA VAL B 285 -4.23 -0.21 22.94
C VAL B 285 -4.23 0.40 24.33
N LEU B 286 -3.36 1.39 24.52
CA LEU B 286 -3.33 2.15 25.76
C LEU B 286 -3.71 3.55 25.22
N HIS B 287 -4.97 3.96 25.42
CA HIS B 287 -5.47 5.22 24.90
C HIS B 287 -5.29 6.36 25.88
N LEU B 288 -4.26 7.14 25.66
CA LEU B 288 -3.98 8.24 26.56
C LEU B 288 -4.73 9.48 26.11
N ILE B 289 -6.03 9.46 26.35
CA ILE B 289 -6.91 10.56 26.05
C ILE B 289 -7.67 10.82 27.35
N PRO B 290 -7.86 12.08 27.73
CA PRO B 290 -8.59 12.28 28.99
C PRO B 290 -10.11 12.30 28.89
N SER B 291 -10.75 12.01 30.02
CA SER B 291 -12.19 12.09 30.08
C SER B 291 -12.47 12.76 31.42
N PRO B 292 -13.11 13.94 31.42
CA PRO B 292 -13.60 14.68 30.25
C PRO B 292 -12.50 15.22 29.32
N PHE B 293 -12.92 15.62 28.14
CA PHE B 293 -12.02 16.21 27.17
C PHE B 293 -11.74 17.61 27.70
N PRO B 294 -10.67 18.25 27.20
CA PRO B 294 -10.34 19.61 27.64
C PRO B 294 -11.53 20.54 27.41
N GLU B 295 -11.72 21.51 28.30
CA GLU B 295 -12.81 22.47 28.16
C GLU B 295 -12.81 23.17 26.81
N VAL B 296 -11.61 23.43 26.29
CA VAL B 296 -11.50 24.14 25.01
C VAL B 296 -11.64 23.25 23.76
N TRP B 297 -11.94 21.96 23.94
CA TRP B 297 -12.06 21.03 22.80
C TRP B 297 -12.90 21.58 21.65
N HIS B 298 -12.32 21.56 20.45
CA HIS B 298 -12.95 22.03 19.22
C HIS B 298 -13.50 23.45 19.24
N THR B 299 -12.75 24.32 19.93
CA THR B 299 -13.05 25.75 19.92
C THR B 299 -11.73 26.45 19.56
N MET B 300 -11.81 27.73 19.18
CA MET B 300 -10.63 28.52 18.86
C MET B 300 -9.76 28.73 20.09
N ASP B 301 -10.29 28.41 21.27
CA ASP B 301 -9.51 28.55 22.49
C ASP B 301 -8.60 27.36 22.75
N ASP B 302 -8.61 26.37 21.85
CA ASP B 302 -7.66 25.26 22.08
C ASP B 302 -6.39 25.78 21.42
N ASN B 303 -5.73 26.67 22.16
CA ASN B 303 -4.53 27.35 21.70
C ASN B 303 -3.38 27.28 22.71
N GLU B 304 -2.28 27.93 22.37
CA GLU B 304 -1.10 27.86 23.21
C GLU B 304 -1.33 28.45 24.61
N GLU B 305 -2.06 29.55 24.67
CA GLU B 305 -2.31 30.23 25.94
C GLU B 305 -3.06 29.35 26.95
N ASN B 306 -3.89 28.44 26.46
CA ASN B 306 -4.62 27.59 27.39
C ASN B 306 -3.95 26.28 27.79
N LEU B 307 -2.73 26.06 27.30
CA LEU B 307 -1.96 24.86 27.65
C LEU B 307 -1.36 25.04 29.04
N ASP B 308 -1.04 23.93 29.71
CA ASP B 308 -0.43 24.00 31.03
C ASP B 308 0.91 23.35 31.00
N GLU B 309 1.93 24.19 31.05
CA GLU B 309 3.33 23.75 31.00
C GLU B 309 3.69 22.62 31.97
N SER B 310 3.37 22.80 33.26
CA SER B 310 3.70 21.79 34.26
C SER B 310 3.07 20.44 33.97
N THR B 311 1.81 20.44 33.60
CA THR B 311 1.14 19.18 33.29
C THR B 311 1.86 18.42 32.19
N ILE B 312 2.19 19.12 31.12
CA ILE B 312 2.88 18.49 29.99
C ILE B 312 4.28 18.01 30.35
N ASP B 313 4.98 18.81 31.16
CA ASP B 313 6.32 18.43 31.57
C ASP B 313 6.20 17.15 32.42
N ASN B 314 5.18 17.10 33.28
CA ASN B 314 4.98 15.91 34.13
C ASN B 314 4.68 14.65 33.27
N LEU B 315 3.81 14.82 32.28
CA LEU B 315 3.46 13.68 31.42
C LEU B 315 4.64 13.26 30.55
N ASN B 316 5.50 14.20 30.13
CA ASN B 316 6.69 13.84 29.37
C ASN B 316 7.55 12.90 30.21
N LYS B 317 7.75 13.27 31.47
CA LYS B 317 8.56 12.43 32.35
C LYS B 317 7.98 11.04 32.50
N ILE B 318 6.68 10.98 32.80
CA ILE B 318 5.98 9.71 33.00
C ILE B 318 6.07 8.84 31.74
N LEU B 319 5.78 9.44 30.59
CA LEU B 319 5.82 8.68 29.34
C LEU B 319 7.22 8.18 29.00
N GLN B 320 8.21 9.05 29.19
CA GLN B 320 9.57 8.68 28.87
C GLN B 320 10.03 7.51 29.76
N VAL B 321 9.64 7.54 31.02
CA VAL B 321 10.02 6.43 31.90
C VAL B 321 9.31 5.16 31.40
N PHE B 322 8.02 5.27 31.12
CA PHE B 322 7.25 4.14 30.62
C PHE B 322 7.92 3.50 29.42
N VAL B 323 8.39 4.32 28.48
CA VAL B 323 9.01 3.80 27.28
C VAL B 323 10.36 3.09 27.54
N LEU B 324 11.20 3.65 28.40
CA LEU B 324 12.48 3.00 28.69
C LEU B 324 12.23 1.66 29.38
N GLU B 325 11.31 1.64 30.34
CA GLU B 325 10.98 0.42 31.07
C GLU B 325 10.40 -0.64 30.16
N TYR B 326 9.61 -0.23 29.17
CA TYR B 326 9.04 -1.20 28.26
C TYR B 326 10.15 -1.82 27.38
N LEU B 327 11.07 -0.98 26.94
CA LEU B 327 12.18 -1.39 26.09
C LEU B 327 13.39 -1.94 26.81
N HIS B 328 13.37 -1.88 28.14
CA HIS B 328 14.50 -2.33 28.96
C HIS B 328 15.75 -1.51 28.67
N LEU B 329 15.59 -0.19 28.63
CA LEU B 329 16.71 0.72 28.38
C LEU B 329 16.96 1.61 29.59
#